data_1KGY
#
_entry.id   1KGY
#
_cell.length_a   78
_cell.length_b   78
_cell.length_c   78
_cell.angle_alpha   69
_cell.angle_beta   75
_cell.angle_gamma   69
#
_symmetry.space_group_name_H-M   'P 1'
#
loop_
_entity.id
_entity.type
_entity.pdbx_description
1 polymer 'EPHRIN TYPE-B RECEPTOR 2'
2 polymer EPHRIN-B2
#
loop_
_entity_poly.entity_id
_entity_poly.type
_entity_poly.pdbx_seq_one_letter_code
_entity_poly.pdbx_strand_id
1 'polypeptide(L)'
;AEETLMDSTTATAELGWMVHPPSGWEEVSGYDENMNTIRTYQVCNVFESSQNNWLRTKFIRRRGAHRIHVEMKFSVRDCS
SIPSVPGSCKETFNLYYYEADFDLATKTFPNWMENPWVKVDTIAADESFSQVDLGGRVMKINTEVRSFGPVSRNGFYLAF
QDYGGCMSLIAVRVFYRKCPR
;
A,B,C,D
2 'polypeptide(L)'
;IVLEPIYWNSSNSKFLPGGGLVLYPQIGDKLDIICPKVDSKTVGQYEYYKVYMVDKDQADRCTIKKENTPLLNCARPDQD
VKFTIKFQEFSPNLWGLEFQKNKDYYIISTSNGSLEGLDNQEGGVCQTRAMKILMKVG
;
E,F,G,H
#
# COMPACT_ATOMS: atom_id res chain seq x y z
N ALA A 1 -7.64 46.81 -40.73
CA ALA A 1 -7.40 46.56 -42.19
C ALA A 1 -6.92 45.13 -42.44
N GLU A 2 -6.15 44.59 -41.48
CA GLU A 2 -5.61 43.25 -41.58
C GLU A 2 -6.07 42.32 -40.46
N GLU A 3 -6.10 41.01 -40.73
CA GLU A 3 -6.50 40.04 -39.74
C GLU A 3 -5.30 39.13 -39.41
N THR A 4 -4.95 39.07 -38.13
CA THR A 4 -3.83 38.28 -37.63
C THR A 4 -4.11 36.79 -37.54
N LEU A 5 -3.19 35.97 -38.06
CA LEU A 5 -3.40 34.52 -38.02
C LEU A 5 -2.62 33.79 -36.92
N MET A 6 -1.62 34.46 -36.34
CA MET A 6 -0.85 33.90 -35.23
C MET A 6 0.00 35.03 -34.69
N ASP A 7 -0.02 35.24 -33.37
CA ASP A 7 0.73 36.35 -32.82
C ASP A 7 1.92 36.06 -31.88
N SER A 8 2.02 34.85 -31.34
CA SER A 8 3.14 34.49 -30.44
C SER A 8 3.42 35.45 -29.28
N THR A 9 2.94 36.69 -29.38
CA THR A 9 3.16 37.64 -28.31
C THR A 9 1.92 37.71 -27.44
N THR A 10 1.31 36.58 -27.17
CA THR A 10 0.11 36.53 -26.34
C THR A 10 0.14 35.22 -25.56
N ALA A 11 1.16 34.43 -25.85
CA ALA A 11 1.34 33.12 -25.26
C ALA A 11 1.29 32.95 -23.73
N THR A 12 2.20 33.62 -23.02
CA THR A 12 2.35 33.54 -21.55
C THR A 12 2.78 32.15 -21.07
N ALA A 13 3.03 31.25 -22.01
CA ALA A 13 3.49 29.88 -21.70
C ALA A 13 4.19 29.39 -22.98
N GLU A 14 4.89 28.25 -22.92
CA GLU A 14 5.57 27.78 -24.13
C GLU A 14 4.70 27.85 -25.39
N LEU A 15 5.32 28.23 -26.50
CA LEU A 15 4.67 28.33 -27.78
C LEU A 15 4.45 26.95 -28.39
N GLY A 16 5.40 26.06 -28.13
CA GLY A 16 5.30 24.70 -28.63
C GLY A 16 5.82 24.57 -30.05
N TRP A 17 6.68 25.51 -30.44
CA TRP A 17 7.27 25.50 -31.77
C TRP A 17 8.32 24.38 -31.78
N MET A 18 8.46 23.71 -32.91
CA MET A 18 9.42 22.61 -33.05
C MET A 18 10.80 23.18 -33.36
N VAL A 19 11.82 22.59 -32.75
CA VAL A 19 13.20 23.01 -32.95
C VAL A 19 13.95 21.80 -33.53
N HIS A 20 14.45 21.90 -34.76
CA HIS A 20 15.13 20.75 -35.33
C HIS A 20 16.34 20.34 -34.50
N PRO A 21 17.51 20.97 -34.71
CA PRO A 21 18.59 20.50 -33.84
C PRO A 21 18.21 21.06 -32.47
N PRO A 22 17.93 20.18 -31.48
CA PRO A 22 17.56 20.72 -30.16
C PRO A 22 18.65 21.63 -29.60
N SER A 23 19.86 21.51 -30.13
CA SER A 23 20.96 22.35 -29.69
C SER A 23 20.98 23.65 -30.48
N GLY A 24 19.84 23.97 -31.09
CA GLY A 24 19.72 25.20 -31.88
C GLY A 24 18.84 26.23 -31.20
N TRP A 25 17.71 26.55 -31.82
CA TRP A 25 16.80 27.52 -31.24
C TRP A 25 16.27 27.01 -29.90
N GLU A 26 16.23 27.88 -28.89
CA GLU A 26 15.72 27.48 -27.58
C GLU A 26 14.76 28.58 -27.07
N GLU A 27 13.58 28.17 -26.64
CA GLU A 27 12.58 29.10 -26.14
C GLU A 27 13.01 29.77 -24.82
N VAL A 28 12.91 31.10 -24.77
CA VAL A 28 13.30 31.88 -23.59
C VAL A 28 12.42 33.13 -23.43
N SER A 29 12.04 33.44 -22.21
CA SER A 29 11.21 34.62 -21.97
C SER A 29 12.03 35.88 -22.19
N GLY A 30 11.34 36.92 -22.65
CA GLY A 30 11.98 38.20 -22.87
C GLY A 30 10.91 39.26 -22.68
N TYR A 31 11.21 40.50 -23.07
CA TYR A 31 10.23 41.57 -22.94
C TYR A 31 10.02 42.22 -24.31
N ASP A 32 9.33 43.33 -24.33
CA ASP A 32 9.08 44.03 -25.59
C ASP A 32 9.09 45.54 -25.32
N GLU A 33 8.39 46.30 -26.16
CA GLU A 33 8.28 47.75 -26.00
C GLU A 33 7.94 48.13 -24.57
N ASN A 34 6.80 47.65 -24.09
CA ASN A 34 6.30 47.95 -22.75
C ASN A 34 6.62 46.97 -21.62
N MET A 35 7.84 46.43 -21.59
CA MET A 35 8.23 45.51 -20.53
C MET A 35 7.21 44.41 -20.25
N ASN A 36 6.48 44.02 -21.28
CA ASN A 36 5.48 42.97 -21.17
C ASN A 36 6.20 41.65 -21.45
N THR A 37 6.14 40.71 -20.51
CA THR A 37 6.81 39.41 -20.66
C THR A 37 6.27 38.59 -21.83
N ILE A 38 7.16 38.22 -22.76
CA ILE A 38 6.78 37.45 -23.94
C ILE A 38 7.65 36.25 -24.26
N ARG A 39 7.11 35.37 -25.10
CA ARG A 39 7.79 34.16 -25.54
C ARG A 39 8.65 34.43 -26.76
N THR A 40 9.92 34.04 -26.68
CA THR A 40 10.86 34.24 -27.79
C THR A 40 11.80 33.04 -27.95
N TYR A 41 12.41 32.93 -29.12
CA TYR A 41 13.37 31.87 -29.36
C TYR A 41 14.69 32.53 -29.73
N GLN A 42 15.79 31.82 -29.52
CA GLN A 42 17.09 32.39 -29.84
C GLN A 42 18.12 31.33 -30.21
N VAL A 43 19.19 31.78 -30.85
CA VAL A 43 20.30 30.91 -31.27
C VAL A 43 21.59 31.71 -31.27
N CYS A 44 22.67 31.07 -30.85
CA CYS A 44 23.95 31.75 -30.79
C CYS A 44 25.04 30.69 -30.76
N ASN A 45 25.07 29.82 -31.77
CA ASN A 45 26.09 28.78 -31.82
C ASN A 45 27.31 29.32 -32.55
N VAL A 46 27.75 30.50 -32.12
CA VAL A 46 28.91 31.20 -32.70
C VAL A 46 30.25 30.49 -32.57
N PHE A 47 30.42 29.72 -31.50
CA PHE A 47 31.66 29.00 -31.26
C PHE A 47 31.66 27.60 -31.89
N GLU A 48 30.50 27.14 -32.32
CA GLU A 48 30.42 25.83 -32.96
C GLU A 48 30.40 26.02 -34.47
N SER A 49 30.68 24.97 -35.22
CA SER A 49 30.72 25.07 -36.67
C SER A 49 29.66 24.28 -37.40
N SER A 50 29.53 24.58 -38.68
CA SER A 50 28.57 23.90 -39.54
C SER A 50 27.19 24.03 -38.86
N GLN A 51 26.62 25.22 -38.95
CA GLN A 51 25.33 25.48 -38.32
C GLN A 51 24.16 25.41 -39.28
N ASN A 52 23.12 24.69 -38.87
CA ASN A 52 21.90 24.58 -39.65
C ASN A 52 20.74 24.32 -38.69
N ASN A 53 20.30 25.37 -38.01
CA ASN A 53 19.23 25.27 -37.03
C ASN A 53 17.86 25.71 -37.54
N TRP A 54 16.86 24.87 -37.32
CA TRP A 54 15.50 25.18 -37.76
C TRP A 54 14.49 25.34 -36.63
N LEU A 55 13.66 26.38 -36.75
CA LEU A 55 12.60 26.65 -35.81
C LEU A 55 11.28 26.58 -36.58
N ARG A 56 10.44 25.61 -36.28
CA ARG A 56 9.17 25.50 -36.99
C ARG A 56 7.98 25.81 -36.10
N THR A 57 7.20 26.78 -36.55
CA THR A 57 6.00 27.22 -35.85
C THR A 57 4.94 26.15 -36.01
N LYS A 58 3.94 26.16 -35.13
CA LYS A 58 2.88 25.16 -35.22
C LYS A 58 2.06 25.50 -36.44
N PHE A 59 1.04 24.68 -36.68
CA PHE A 59 0.13 24.83 -37.80
C PHE A 59 -0.64 26.14 -37.73
N ILE A 60 -0.62 26.91 -38.80
CA ILE A 60 -1.34 28.17 -38.84
C ILE A 60 -2.45 28.02 -39.89
N ARG A 61 -3.69 28.28 -39.49
CA ARG A 61 -4.82 28.15 -40.41
C ARG A 61 -4.90 29.33 -41.37
N ARG A 62 -5.20 29.03 -42.62
CA ARG A 62 -5.28 30.05 -43.66
C ARG A 62 -6.49 30.97 -43.58
N ARG A 63 -7.51 30.54 -42.83
CA ARG A 63 -8.74 31.32 -42.66
C ARG A 63 -9.16 32.12 -43.88
N GLY A 64 -9.00 31.49 -45.05
CA GLY A 64 -9.39 32.14 -46.29
C GLY A 64 -8.51 33.28 -46.78
N ALA A 65 -7.21 33.19 -46.58
CA ALA A 65 -6.32 34.23 -47.05
C ALA A 65 -5.59 33.74 -48.28
N HIS A 66 -5.25 34.68 -49.17
CA HIS A 66 -4.51 34.33 -50.38
C HIS A 66 -3.06 34.76 -50.22
N ARG A 67 -2.85 35.93 -49.63
CA ARG A 67 -1.48 36.37 -49.46
C ARG A 67 -1.17 36.56 -47.99
N ILE A 68 -0.25 35.74 -47.49
CA ILE A 68 0.16 35.81 -46.10
C ILE A 68 1.29 36.82 -45.87
N HIS A 69 1.20 37.57 -44.77
CA HIS A 69 2.25 38.51 -44.40
C HIS A 69 2.86 38.06 -43.09
N VAL A 70 4.18 38.11 -43.02
CA VAL A 70 4.86 37.68 -41.82
C VAL A 70 5.74 38.81 -41.31
N GLU A 71 5.40 39.31 -40.13
CA GLU A 71 6.14 40.39 -39.50
C GLU A 71 7.04 39.81 -38.42
N MET A 72 8.35 40.02 -38.58
CA MET A 72 9.32 39.50 -37.63
C MET A 72 10.00 40.63 -36.83
N LYS A 73 10.16 40.40 -35.53
CA LYS A 73 10.83 41.35 -34.64
C LYS A 73 11.97 40.56 -34.01
N PHE A 74 13.19 40.96 -34.34
CA PHE A 74 14.34 40.23 -33.82
C PHE A 74 15.52 41.14 -33.52
N SER A 75 16.46 40.62 -32.73
CA SER A 75 17.65 41.35 -32.33
C SER A 75 18.87 40.49 -32.61
N VAL A 76 19.97 41.12 -32.98
CA VAL A 76 21.19 40.39 -33.27
C VAL A 76 22.35 40.85 -32.39
N ARG A 77 23.08 39.88 -31.87
CA ARG A 77 24.23 40.16 -31.01
C ARG A 77 25.50 40.33 -31.84
N ASP A 78 26.24 41.41 -31.59
CA ASP A 78 27.49 41.70 -32.30
C ASP A 78 28.44 40.58 -31.91
N CYS A 79 29.11 39.98 -32.91
CA CYS A 79 30.05 38.89 -32.63
C CYS A 79 31.15 39.38 -31.69
N SER A 80 31.40 40.69 -31.73
CA SER A 80 32.42 41.32 -30.91
C SER A 80 32.09 41.35 -29.42
N SER A 81 30.84 41.70 -29.09
CA SER A 81 30.40 41.77 -27.70
C SER A 81 30.40 40.42 -27.00
N ILE A 82 30.63 39.37 -27.77
CA ILE A 82 30.65 38.01 -27.24
C ILE A 82 32.07 37.65 -26.84
N PRO A 83 32.23 36.99 -25.69
CA PRO A 83 33.54 36.59 -25.18
C PRO A 83 34.41 35.89 -26.23
N SER A 84 33.84 34.88 -26.88
CA SER A 84 34.56 34.13 -27.92
C SER A 84 34.31 34.75 -29.30
N VAL A 85 35.38 34.90 -30.08
CA VAL A 85 35.26 35.49 -31.40
C VAL A 85 35.79 34.63 -32.55
N PRO A 86 35.27 33.40 -32.68
CA PRO A 86 35.68 32.47 -33.74
C PRO A 86 35.31 33.01 -35.13
N GLY A 87 35.38 32.13 -36.13
CA GLY A 87 35.04 32.52 -37.48
C GLY A 87 33.54 32.56 -37.68
N SER A 88 33.11 32.87 -38.90
CA SER A 88 31.69 32.96 -39.23
C SER A 88 30.96 33.92 -38.29
N CYS A 89 29.85 33.44 -37.74
CA CYS A 89 29.00 34.23 -36.83
C CYS A 89 28.14 35.17 -37.69
N LYS A 90 27.24 34.55 -38.45
CA LYS A 90 26.33 35.23 -39.38
C LYS A 90 25.28 36.09 -38.68
N GLU A 91 24.57 36.87 -39.50
CA GLU A 91 23.50 37.72 -39.02
C GLU A 91 22.49 37.96 -40.14
N THR A 92 21.93 36.84 -40.61
CA THR A 92 20.91 36.79 -41.65
C THR A 92 20.29 35.42 -41.50
N PHE A 93 18.98 35.31 -41.64
CA PHE A 93 18.34 34.00 -41.53
C PHE A 93 17.30 33.82 -42.62
N ASN A 94 16.91 32.56 -42.84
CA ASN A 94 15.93 32.28 -43.87
C ASN A 94 14.54 32.01 -43.32
N LEU A 95 13.57 32.58 -43.99
CA LEU A 95 12.17 32.41 -43.65
C LEU A 95 11.49 31.51 -44.70
N TYR A 96 11.07 30.32 -44.29
CA TYR A 96 10.39 29.39 -45.21
C TYR A 96 8.97 29.13 -44.75
N TYR A 97 8.20 28.45 -45.60
CA TYR A 97 6.83 28.09 -45.27
C TYR A 97 6.45 26.79 -45.99
N TYR A 98 5.60 25.99 -45.35
CA TYR A 98 5.16 24.71 -45.93
C TYR A 98 3.65 24.63 -45.78
N GLU A 99 2.96 24.26 -46.86
CA GLU A 99 1.51 24.16 -46.81
C GLU A 99 1.07 22.75 -46.43
N ALA A 100 -0.23 22.59 -46.21
CA ALA A 100 -0.83 21.31 -45.84
C ALA A 100 -2.28 21.51 -45.42
N ASP A 101 -3.11 20.51 -45.66
CA ASP A 101 -4.53 20.59 -45.31
C ASP A 101 -4.78 20.13 -43.90
N PHE A 102 -3.84 19.37 -43.36
CA PHE A 102 -3.96 18.87 -41.99
C PHE A 102 -2.63 19.05 -41.31
N ASP A 103 -2.65 19.14 -39.99
CA ASP A 103 -1.42 19.30 -39.22
C ASP A 103 -0.40 18.31 -39.79
N LEU A 104 -0.54 17.03 -39.43
CA LEU A 104 0.33 15.97 -39.93
C LEU A 104 1.85 16.13 -39.80
N ALA A 105 2.34 17.35 -39.57
CA ALA A 105 3.77 17.53 -39.44
C ALA A 105 4.26 16.84 -38.17
N THR A 106 5.31 16.04 -38.31
CA THR A 106 5.89 15.33 -37.17
C THR A 106 7.25 15.92 -36.87
N LYS A 107 8.07 15.17 -36.14
CA LYS A 107 9.39 15.63 -35.78
C LYS A 107 10.34 15.39 -36.94
N THR A 108 9.87 14.70 -37.96
CA THR A 108 10.72 14.43 -39.11
C THR A 108 10.06 14.62 -40.47
N PHE A 109 8.74 14.49 -40.55
CA PHE A 109 8.12 14.61 -41.87
C PHE A 109 8.47 15.82 -42.72
N PRO A 110 7.96 17.01 -42.38
CA PRO A 110 8.33 18.13 -43.25
C PRO A 110 9.84 18.31 -43.22
N ASN A 111 10.52 17.52 -44.06
CA ASN A 111 11.98 17.49 -44.16
C ASN A 111 12.65 18.81 -43.89
N TRP A 112 13.57 18.78 -42.93
CA TRP A 112 14.28 19.97 -42.53
C TRP A 112 15.31 20.47 -43.54
N MET A 113 14.83 20.94 -44.67
CA MET A 113 15.69 21.47 -45.71
C MET A 113 14.81 22.28 -46.68
N GLU A 114 15.42 23.22 -47.38
CA GLU A 114 14.69 24.06 -48.31
C GLU A 114 14.05 23.24 -49.43
N ASN A 115 14.13 21.92 -49.33
CA ASN A 115 13.50 21.12 -50.37
C ASN A 115 11.99 21.27 -50.22
N PRO A 116 11.33 20.46 -49.35
CA PRO A 116 9.89 20.64 -49.25
C PRO A 116 9.49 22.06 -48.88
N TRP A 117 10.34 22.71 -48.10
CA TRP A 117 10.07 24.07 -47.65
C TRP A 117 10.35 25.13 -48.69
N VAL A 118 9.33 25.85 -49.12
CA VAL A 118 9.56 26.90 -50.08
C VAL A 118 10.04 28.18 -49.35
N LYS A 119 11.17 28.70 -49.85
CA LYS A 119 11.82 29.89 -49.31
C LYS A 119 11.01 31.16 -49.56
N VAL A 120 10.82 31.96 -48.51
CA VAL A 120 10.08 33.20 -48.67
C VAL A 120 11.10 34.28 -48.98
N ASP A 121 12.12 34.39 -48.13
CA ASP A 121 13.19 35.36 -48.32
C ASP A 121 14.28 35.21 -47.28
N THR A 122 15.42 35.86 -47.50
CA THR A 122 16.55 35.82 -46.58
C THR A 122 16.56 37.16 -45.87
N ILE A 123 16.35 37.17 -44.56
CA ILE A 123 16.32 38.42 -43.83
C ILE A 123 17.64 38.80 -43.18
N ALA A 124 18.06 40.05 -43.38
CA ALA A 124 19.31 40.53 -42.79
C ALA A 124 18.97 41.41 -41.59
N ALA A 125 19.98 41.75 -40.81
CA ALA A 125 19.79 42.60 -39.64
C ALA A 125 20.49 43.91 -39.90
N ASP A 126 19.76 45.02 -39.93
CA ASP A 126 20.41 46.30 -40.17
C ASP A 126 20.77 46.96 -38.86
N GLU A 127 20.64 46.20 -37.79
CA GLU A 127 20.95 46.67 -36.44
C GLU A 127 21.39 45.50 -35.60
N SER A 128 22.48 45.69 -34.87
CA SER A 128 23.01 44.66 -33.99
C SER A 128 23.67 45.34 -32.80
N PHE A 129 23.08 45.12 -31.63
CA PHE A 129 23.56 45.69 -30.38
C PHE A 129 24.71 44.89 -29.80
N SER A 130 25.36 45.46 -28.79
CA SER A 130 26.47 44.80 -28.12
C SER A 130 26.23 44.84 -26.62
N GLN A 131 25.15 45.51 -26.25
CA GLN A 131 24.78 45.68 -24.86
C GLN A 131 23.27 45.58 -24.65
N VAL A 132 22.83 44.66 -23.79
CA VAL A 132 21.40 44.53 -23.53
C VAL A 132 20.94 45.85 -22.93
N ASP A 133 19.67 46.18 -23.13
CA ASP A 133 19.17 47.44 -22.60
C ASP A 133 17.66 47.47 -22.57
N LEU A 134 17.09 46.77 -21.60
CA LEU A 134 15.64 46.68 -21.42
C LEU A 134 14.94 48.04 -21.38
N GLY A 135 13.98 48.24 -22.27
CA GLY A 135 13.25 49.49 -22.29
C GLY A 135 13.80 50.55 -23.24
N GLY A 136 15.13 50.59 -23.36
CA GLY A 136 15.74 51.58 -24.24
C GLY A 136 16.14 51.01 -25.58
N ARG A 137 16.84 51.82 -26.39
CA ARG A 137 17.31 51.43 -27.71
C ARG A 137 16.33 50.62 -28.55
N VAL A 138 15.13 51.16 -28.76
CA VAL A 138 14.12 50.46 -29.58
C VAL A 138 14.64 50.27 -31.00
N MET A 139 15.27 51.32 -31.52
CA MET A 139 15.80 51.29 -32.87
C MET A 139 16.87 50.22 -33.00
N LYS A 140 17.11 49.47 -31.93
CA LYS A 140 18.11 48.39 -31.94
C LYS A 140 17.52 47.01 -32.24
N ILE A 141 16.20 46.88 -32.10
CA ILE A 141 15.57 45.61 -32.40
C ILE A 141 15.12 45.76 -33.84
N ASN A 142 15.14 44.68 -34.62
CA ASN A 142 14.75 44.76 -36.02
C ASN A 142 13.30 44.39 -36.31
N THR A 143 12.76 44.95 -37.40
CA THR A 143 11.39 44.68 -37.85
C THR A 143 11.37 44.53 -39.35
N GLU A 144 11.17 43.30 -39.81
CA GLU A 144 11.15 42.99 -41.24
C GLU A 144 9.90 42.23 -41.61
N VAL A 145 9.17 42.76 -42.59
CA VAL A 145 7.94 42.12 -43.06
C VAL A 145 8.08 41.57 -44.48
N ARG A 146 7.59 40.36 -44.70
CA ARG A 146 7.65 39.70 -45.99
C ARG A 146 6.28 39.08 -46.26
N SER A 147 6.02 38.68 -47.49
CA SER A 147 4.76 38.04 -47.81
C SER A 147 5.04 36.94 -48.81
N PHE A 148 4.31 35.84 -48.69
CA PHE A 148 4.52 34.75 -49.61
C PHE A 148 3.26 34.40 -50.39
N GLY A 149 3.54 33.85 -51.58
CA GLY A 149 2.58 33.42 -52.59
C GLY A 149 1.10 33.30 -52.31
N PRO A 150 0.37 32.73 -53.28
CA PRO A 150 -1.08 32.50 -53.25
C PRO A 150 -1.63 31.66 -52.08
N VAL A 151 -1.01 30.53 -51.76
CA VAL A 151 -1.54 29.72 -50.63
C VAL A 151 -3.02 29.34 -50.80
N SER A 152 -3.29 28.04 -50.90
CA SER A 152 -4.65 27.56 -51.09
C SER A 152 -5.06 26.45 -50.12
N ARG A 153 -4.08 25.74 -49.59
CA ARG A 153 -4.34 24.67 -48.64
C ARG A 153 -5.09 25.22 -47.42
N ASN A 154 -5.55 24.32 -46.54
CA ASN A 154 -6.26 24.70 -45.33
C ASN A 154 -5.41 25.60 -44.46
N GLY A 155 -4.11 25.32 -44.42
CA GLY A 155 -3.20 26.10 -43.61
C GLY A 155 -1.74 25.90 -43.98
N PHE A 156 -0.85 26.33 -43.10
CA PHE A 156 0.58 26.23 -43.37
C PHE A 156 1.43 26.40 -42.11
N TYR A 157 2.73 26.20 -42.28
CA TYR A 157 3.70 26.34 -41.21
C TYR A 157 4.77 27.28 -41.72
N LEU A 158 5.48 27.91 -40.81
CA LEU A 158 6.58 28.78 -41.20
C LEU A 158 7.76 28.08 -40.55
N ALA A 159 8.97 28.50 -40.90
CA ALA A 159 10.16 27.90 -40.31
C ALA A 159 11.28 28.88 -40.51
N PHE A 160 12.07 29.08 -39.47
CA PHE A 160 13.16 30.01 -39.60
C PHE A 160 14.43 29.19 -39.54
N GLN A 161 15.40 29.57 -40.37
CA GLN A 161 16.66 28.83 -40.45
C GLN A 161 17.89 29.63 -40.01
N ASP A 162 18.63 29.08 -39.05
CA ASP A 162 19.86 29.73 -38.64
C ASP A 162 21.06 28.93 -39.09
N TYR A 163 22.09 29.65 -39.50
CA TYR A 163 23.32 29.02 -39.94
C TYR A 163 24.52 29.74 -39.36
N GLY A 164 24.64 29.65 -38.05
CA GLY A 164 25.76 30.25 -37.35
C GLY A 164 25.70 31.67 -36.85
N GLY A 165 24.51 32.25 -36.74
CA GLY A 165 24.45 33.61 -36.24
C GLY A 165 24.21 33.56 -34.75
N CYS A 166 23.99 34.72 -34.14
CA CYS A 166 23.71 34.82 -32.71
C CYS A 166 22.58 35.85 -32.62
N MET A 167 21.34 35.38 -32.83
CA MET A 167 20.17 36.27 -32.83
C MET A 167 19.02 35.86 -31.91
N SER A 168 17.98 36.69 -31.88
CA SER A 168 16.77 36.42 -31.08
C SER A 168 15.52 36.77 -31.84
N LEU A 169 14.54 35.86 -31.81
CA LEU A 169 13.28 36.11 -32.50
C LEU A 169 12.31 36.59 -31.42
N ILE A 170 12.23 37.91 -31.27
CA ILE A 170 11.40 38.56 -30.25
C ILE A 170 9.90 38.42 -30.45
N ALA A 171 9.45 38.58 -31.68
CA ALA A 171 8.04 38.45 -32.01
C ALA A 171 7.84 38.10 -33.48
N VAL A 172 6.81 37.30 -33.72
CA VAL A 172 6.44 36.88 -35.06
C VAL A 172 4.95 37.09 -35.12
N ARG A 173 4.47 37.45 -36.29
CA ARG A 173 3.06 37.68 -36.43
C ARG A 173 2.61 37.49 -37.87
N VAL A 174 1.87 36.42 -38.09
CA VAL A 174 1.37 36.12 -39.41
C VAL A 174 0.02 36.84 -39.56
N PHE A 175 -0.30 37.24 -40.79
CA PHE A 175 -1.56 37.94 -41.02
C PHE A 175 -1.83 38.18 -42.49
N TYR A 176 -3.02 38.65 -42.81
CA TYR A 176 -3.37 38.94 -44.19
C TYR A 176 -4.15 40.22 -44.28
N ARG A 177 -3.96 40.94 -45.38
CA ARG A 177 -4.63 42.22 -45.58
C ARG A 177 -5.99 42.00 -46.22
N LYS A 178 -7.04 42.23 -45.43
CA LYS A 178 -8.41 42.06 -45.89
C LYS A 178 -8.95 43.35 -46.52
N CYS A 179 -8.40 43.69 -47.68
CA CYS A 179 -8.74 44.87 -48.48
C CYS A 179 -7.68 44.93 -49.59
N PRO A 180 -8.10 45.10 -50.84
CA PRO A 180 -7.19 45.17 -51.99
C PRO A 180 -6.22 46.33 -51.94
N ARG A 181 -4.96 46.03 -52.29
CA ARG A 181 -3.90 47.04 -52.30
C ARG A 181 -4.28 48.20 -53.22
N ALA B 1 12.04 -38.21 51.57
CA ALA B 1 12.37 -37.50 50.29
C ALA B 1 11.12 -37.37 49.42
N GLU B 2 10.75 -36.12 49.12
CA GLU B 2 9.58 -35.83 48.29
C GLU B 2 9.91 -35.07 47.01
N GLU B 3 9.27 -35.48 45.91
CA GLU B 3 9.50 -34.81 44.63
C GLU B 3 8.36 -33.86 44.31
N THR B 4 8.71 -32.70 43.76
CA THR B 4 7.71 -31.69 43.43
C THR B 4 7.16 -31.83 42.01
N LEU B 5 5.83 -31.83 41.92
CA LEU B 5 5.18 -31.94 40.63
C LEU B 5 4.77 -30.57 40.08
N MET B 6 4.58 -29.60 40.95
CA MET B 6 4.21 -28.24 40.55
C MET B 6 4.54 -27.35 41.72
N ASP B 7 4.85 -26.08 41.45
CA ASP B 7 5.19 -25.16 42.53
C ASP B 7 4.42 -23.84 42.34
N SER B 8 4.73 -23.11 41.28
CA SER B 8 4.07 -21.83 40.96
C SER B 8 4.83 -20.62 41.48
N THR B 9 5.66 -20.81 42.51
CA THR B 9 6.43 -19.69 43.03
C THR B 9 7.68 -19.57 42.18
N THR B 10 7.58 -20.02 40.93
CA THR B 10 8.68 -19.97 39.99
C THR B 10 8.27 -19.28 38.69
N ALA B 11 6.98 -19.00 38.55
CA ALA B 11 6.39 -18.40 37.36
C ALA B 11 6.99 -17.15 36.68
N THR B 12 7.21 -16.09 37.45
CA THR B 12 7.73 -14.79 36.93
C THR B 12 6.81 -14.22 35.86
N ALA B 13 5.75 -14.95 35.54
CA ALA B 13 4.77 -14.52 34.53
C ALA B 13 3.42 -15.19 34.76
N GLU B 14 2.42 -14.78 33.98
CA GLU B 14 1.06 -15.31 34.06
C GLU B 14 1.07 -16.84 34.30
N LEU B 15 0.31 -17.31 35.28
CA LEU B 15 0.23 -18.75 35.58
C LEU B 15 -0.67 -19.56 34.64
N GLY B 16 -1.72 -18.94 34.13
CA GLY B 16 -2.61 -19.61 33.20
C GLY B 16 -3.65 -20.54 33.82
N TRP B 17 -4.04 -20.24 35.04
CA TRP B 17 -5.03 -21.07 35.68
C TRP B 17 -6.38 -20.56 35.22
N MET B 18 -7.33 -21.47 35.06
CA MET B 18 -8.68 -21.15 34.63
C MET B 18 -9.50 -20.70 35.83
N VAL B 19 -10.16 -19.56 35.69
CA VAL B 19 -11.01 -19.04 36.77
C VAL B 19 -12.45 -19.10 36.28
N HIS B 20 -13.17 -20.16 36.63
CA HIS B 20 -14.55 -20.28 36.16
C HIS B 20 -15.30 -18.96 36.28
N PRO B 21 -15.77 -18.60 37.47
CA PRO B 21 -16.46 -17.29 37.49
C PRO B 21 -15.39 -16.20 37.30
N PRO B 22 -15.40 -15.49 36.16
CA PRO B 22 -14.40 -14.43 35.91
C PRO B 22 -14.50 -13.34 36.96
N SER B 23 -15.71 -13.21 37.50
CA SER B 23 -15.98 -12.20 38.52
C SER B 23 -15.38 -12.60 39.87
N GLY B 24 -14.83 -13.80 39.95
CA GLY B 24 -14.25 -14.27 41.20
C GLY B 24 -12.75 -14.06 41.32
N TRP B 25 -12.01 -15.17 41.43
CA TRP B 25 -10.57 -15.08 41.56
C TRP B 25 -9.94 -14.33 40.42
N GLU B 26 -8.85 -13.65 40.73
CA GLU B 26 -8.09 -12.92 39.74
C GLU B 26 -6.61 -13.08 40.12
N GLU B 27 -5.74 -13.16 39.12
CA GLU B 27 -4.30 -13.33 39.36
C GLU B 27 -3.70 -11.98 39.68
N VAL B 28 -2.90 -11.95 40.75
CA VAL B 28 -2.24 -10.72 41.19
C VAL B 28 -0.86 -11.04 41.77
N SER B 29 0.13 -10.18 41.49
CA SER B 29 1.49 -10.40 42.02
C SER B 29 1.61 -9.97 43.48
N GLY B 30 2.45 -10.70 44.21
CA GLY B 30 2.68 -10.42 45.62
C GLY B 30 4.11 -10.79 45.98
N TYR B 31 4.42 -10.81 47.28
CA TYR B 31 5.78 -11.13 47.71
C TYR B 31 5.82 -12.36 48.58
N ASP B 32 7.00 -12.96 48.69
CA ASP B 32 7.16 -14.13 49.54
C ASP B 32 7.89 -13.65 50.79
N GLU B 33 8.37 -14.58 51.60
CA GLU B 33 9.08 -14.20 52.81
C GLU B 33 10.24 -13.25 52.50
N ASN B 34 10.90 -13.47 51.36
CA ASN B 34 12.07 -12.69 50.97
C ASN B 34 11.86 -11.56 49.95
N MET B 35 10.64 -11.04 49.88
CA MET B 35 10.33 -9.98 48.94
C MET B 35 10.64 -10.35 47.48
N ASN B 36 10.56 -11.63 47.17
CA ASN B 36 10.76 -12.11 45.81
C ASN B 36 9.39 -12.15 45.15
N THR B 37 9.15 -11.27 44.20
CA THR B 37 7.86 -11.21 43.50
C THR B 37 7.32 -12.57 43.06
N ILE B 38 6.06 -12.85 43.40
CA ILE B 38 5.44 -14.11 43.02
C ILE B 38 4.00 -13.91 42.54
N ARG B 39 3.47 -14.90 41.80
CA ARG B 39 2.12 -14.86 41.26
C ARG B 39 1.17 -15.48 42.27
N THR B 40 0.05 -14.83 42.53
CA THR B 40 -0.92 -15.37 43.48
C THR B 40 -2.35 -15.15 43.01
N TYR B 41 -3.27 -15.98 43.49
CA TYR B 41 -4.68 -15.81 43.14
C TYR B 41 -5.45 -15.40 44.36
N GLN B 42 -6.38 -14.47 44.17
CA GLN B 42 -7.16 -13.98 45.28
C GLN B 42 -8.64 -13.78 44.96
N VAL B 43 -9.45 -13.75 46.01
CA VAL B 43 -10.89 -13.53 45.92
C VAL B 43 -11.37 -12.78 47.15
N CYS B 44 -12.18 -11.76 46.94
CA CYS B 44 -12.70 -10.98 48.04
C CYS B 44 -14.03 -10.32 47.67
N ASN B 45 -15.03 -11.15 47.41
CA ASN B 45 -16.37 -10.69 47.05
C ASN B 45 -17.31 -10.75 48.25
N VAL B 46 -16.81 -10.35 49.41
CA VAL B 46 -17.57 -10.38 50.66
C VAL B 46 -18.89 -9.59 50.61
N PHE B 47 -18.97 -8.60 49.73
CA PHE B 47 -20.17 -7.77 49.60
C PHE B 47 -21.27 -8.52 48.87
N GLU B 48 -20.99 -8.92 47.63
CA GLU B 48 -21.96 -9.65 46.83
C GLU B 48 -22.44 -10.88 47.60
N SER B 49 -23.46 -11.54 47.08
CA SER B 49 -24.01 -12.73 47.72
C SER B 49 -23.97 -13.92 46.77
N SER B 50 -24.21 -15.11 47.30
CA SER B 50 -24.20 -16.33 46.50
C SER B 50 -22.88 -16.50 45.74
N GLN B 51 -21.79 -16.53 46.51
CA GLN B 51 -20.47 -16.70 45.94
C GLN B 51 -20.05 -18.16 45.87
N ASN B 52 -19.63 -18.57 44.69
CA ASN B 52 -19.16 -19.92 44.44
C ASN B 52 -18.14 -19.72 43.31
N ASN B 53 -16.93 -19.36 43.68
CA ASN B 53 -15.87 -19.07 42.74
C ASN B 53 -14.85 -20.18 42.64
N TRP B 54 -14.55 -20.59 41.41
CA TRP B 54 -13.60 -21.66 41.18
C TRP B 54 -12.30 -21.24 40.51
N LEU B 55 -11.21 -21.87 40.94
CA LEU B 55 -9.90 -21.61 40.40
C LEU B 55 -9.32 -22.97 40.05
N ARG B 56 -9.03 -23.20 38.77
CA ARG B 56 -8.50 -24.49 38.36
C ARG B 56 -7.06 -24.36 37.89
N THR B 57 -6.18 -25.19 38.45
CA THR B 57 -4.77 -25.16 38.09
C THR B 57 -4.61 -25.77 36.72
N LYS B 58 -3.36 -25.76 36.23
CA LYS B 58 -3.07 -26.34 34.92
C LYS B 58 -3.05 -27.85 35.14
N PHE B 59 -2.61 -28.60 34.15
CA PHE B 59 -2.55 -30.05 34.25
C PHE B 59 -1.25 -30.37 34.95
N ILE B 60 -1.29 -31.33 35.87
CA ILE B 60 -0.11 -31.75 36.60
C ILE B 60 0.07 -33.25 36.37
N ARG B 61 1.14 -33.64 35.70
CA ARG B 61 1.42 -35.04 35.42
C ARG B 61 1.77 -35.79 36.70
N ARG B 62 1.17 -36.97 36.88
CA ARG B 62 1.39 -37.78 38.07
C ARG B 62 2.82 -38.28 38.23
N ARG B 63 3.51 -38.44 37.11
CA ARG B 63 4.89 -38.91 37.09
C ARG B 63 5.30 -40.01 38.07
N GLY B 64 4.51 -41.06 38.16
CA GLY B 64 4.87 -42.14 39.07
C GLY B 64 4.45 -41.97 40.51
N ALA B 65 3.75 -40.89 40.82
CA ALA B 65 3.29 -40.69 42.18
C ALA B 65 2.04 -41.55 42.38
N HIS B 66 1.77 -41.88 43.63
CA HIS B 66 0.60 -42.67 43.98
C HIS B 66 -0.26 -41.76 44.83
N ARG B 67 0.29 -41.27 45.94
CA ARG B 67 -0.44 -40.35 46.82
C ARG B 67 0.14 -38.96 46.64
N ILE B 68 -0.73 -38.03 46.29
CA ILE B 68 -0.34 -36.64 46.05
C ILE B 68 -0.48 -35.75 47.31
N HIS B 69 0.40 -34.76 47.43
CA HIS B 69 0.33 -33.83 48.56
C HIS B 69 0.24 -32.37 48.09
N VAL B 70 -0.75 -31.64 48.60
CA VAL B 70 -0.86 -30.25 48.23
C VAL B 70 -0.54 -29.37 49.43
N GLU B 71 0.54 -28.59 49.33
CA GLU B 71 0.92 -27.68 50.40
C GLU B 71 0.55 -26.30 49.91
N MET B 72 -0.35 -25.62 50.62
CA MET B 72 -0.80 -24.30 50.20
C MET B 72 -0.67 -23.20 51.28
N LYS B 73 -0.17 -22.04 50.85
CA LYS B 73 0.01 -20.90 51.75
C LYS B 73 -0.95 -19.77 51.36
N PHE B 74 -1.68 -19.24 52.32
CA PHE B 74 -2.66 -18.18 52.04
C PHE B 74 -2.90 -17.18 53.17
N SER B 75 -3.62 -16.10 52.86
CA SER B 75 -3.94 -15.07 53.85
C SER B 75 -5.39 -14.59 53.76
N VAL B 76 -6.11 -14.65 54.88
CA VAL B 76 -7.50 -14.21 54.93
C VAL B 76 -7.66 -12.82 55.54
N ARG B 77 -8.27 -11.91 54.79
CA ARG B 77 -8.50 -10.54 55.25
C ARG B 77 -9.57 -10.53 56.32
N ASP B 78 -9.34 -9.79 57.41
CA ASP B 78 -10.32 -9.69 58.49
C ASP B 78 -11.54 -8.96 57.95
N CYS B 79 -12.68 -9.66 57.93
CA CYS B 79 -13.95 -9.11 57.45
C CYS B 79 -14.19 -7.71 58.00
N SER B 80 -13.69 -7.48 59.21
CA SER B 80 -13.83 -6.23 59.92
C SER B 80 -13.13 -5.06 59.21
N SER B 81 -11.87 -5.28 58.83
CA SER B 81 -11.09 -4.25 58.15
C SER B 81 -11.79 -3.65 56.93
N ILE B 82 -12.26 -4.50 56.02
CA ILE B 82 -12.95 -3.99 54.83
C ILE B 82 -14.15 -3.18 55.30
N PRO B 83 -14.38 -2.00 54.69
CA PRO B 83 -15.49 -1.12 55.05
C PRO B 83 -16.86 -1.79 55.15
N SER B 84 -17.64 -1.71 54.09
CA SER B 84 -18.97 -2.31 54.07
C SER B 84 -18.87 -3.84 54.10
N VAL B 85 -19.32 -4.45 55.18
CA VAL B 85 -19.25 -5.90 55.30
C VAL B 85 -20.42 -6.54 56.04
N PRO B 86 -21.50 -6.87 55.32
CA PRO B 86 -22.71 -7.48 55.90
C PRO B 86 -22.44 -8.75 56.71
N GLY B 87 -23.46 -9.22 57.41
CA GLY B 87 -23.33 -10.41 58.25
C GLY B 87 -22.97 -11.69 57.54
N SER B 88 -21.67 -11.86 57.26
CA SER B 88 -21.15 -13.06 56.60
C SER B 88 -19.62 -12.98 56.45
N CYS B 89 -19.13 -13.31 55.24
CA CYS B 89 -17.69 -13.27 54.95
C CYS B 89 -16.94 -14.42 55.66
N LYS B 90 -16.79 -15.52 54.93
CA LYS B 90 -16.17 -16.78 55.38
C LYS B 90 -14.66 -16.83 55.59
N GLU B 91 -14.22 -17.87 56.29
CA GLU B 91 -12.81 -18.09 56.61
C GLU B 91 -12.40 -19.50 56.19
N THR B 92 -13.02 -20.01 55.12
CA THR B 92 -12.72 -21.35 54.63
C THR B 92 -12.79 -21.46 53.12
N PHE B 93 -12.18 -22.52 52.59
CA PHE B 93 -12.20 -22.79 51.15
C PHE B 93 -11.94 -24.27 50.91
N ASN B 94 -12.55 -24.80 49.85
CA ASN B 94 -12.42 -26.21 49.50
C ASN B 94 -11.33 -26.51 48.49
N LEU B 95 -10.79 -27.70 48.56
CA LEU B 95 -9.75 -28.15 47.67
C LEU B 95 -10.15 -29.45 46.98
N TYR B 96 -10.37 -29.40 45.67
CA TYR B 96 -10.73 -30.62 44.95
C TYR B 96 -9.65 -31.00 43.96
N TYR B 97 -9.83 -32.14 43.32
CA TYR B 97 -8.89 -32.58 42.30
C TYR B 97 -9.67 -33.35 41.25
N TYR B 98 -9.06 -33.52 40.09
CA TYR B 98 -9.70 -34.24 39.00
C TYR B 98 -8.63 -34.98 38.19
N GLU B 99 -8.85 -36.27 37.94
CA GLU B 99 -7.88 -37.03 37.17
C GLU B 99 -8.23 -37.04 35.70
N ALA B 100 -7.25 -37.35 34.87
CA ALA B 100 -7.44 -37.38 33.42
C ALA B 100 -6.17 -37.92 32.79
N ASP B 101 -6.30 -38.49 31.59
CA ASP B 101 -5.15 -39.03 30.87
C ASP B 101 -4.51 -37.97 29.97
N PHE B 102 -5.24 -36.89 29.71
CA PHE B 102 -4.72 -35.81 28.89
C PHE B 102 -5.33 -34.51 29.39
N ASP B 103 -4.79 -33.38 28.93
CA ASP B 103 -5.33 -32.08 29.34
C ASP B 103 -6.85 -32.17 29.16
N LEU B 104 -7.36 -31.91 27.96
CA LEU B 104 -8.80 -32.02 27.69
C LEU B 104 -9.76 -31.12 28.46
N ALA B 105 -9.35 -30.56 29.58
CA ALA B 105 -10.24 -29.69 30.33
C ALA B 105 -10.45 -28.41 29.52
N THR B 106 -11.69 -27.98 29.40
CA THR B 106 -12.00 -26.76 28.67
C THR B 106 -12.55 -25.69 29.61
N LYS B 107 -13.09 -24.61 29.06
CA LYS B 107 -13.67 -23.55 29.88
C LYS B 107 -14.97 -24.04 30.48
N THR B 108 -15.45 -25.19 30.02
CA THR B 108 -16.69 -25.71 30.55
C THR B 108 -16.72 -27.22 30.78
N PHE B 109 -15.68 -27.96 30.41
CA PHE B 109 -15.78 -29.39 30.60
C PHE B 109 -15.84 -29.94 32.01
N PRO B 110 -14.72 -30.00 32.74
CA PRO B 110 -14.96 -30.57 34.08
C PRO B 110 -15.95 -29.65 34.83
N ASN B 111 -17.22 -30.06 34.87
CA ASN B 111 -18.26 -29.26 35.54
C ASN B 111 -17.72 -28.66 36.82
N TRP B 112 -18.10 -27.42 37.07
CA TRP B 112 -17.58 -26.76 38.24
C TRP B 112 -18.33 -27.03 39.53
N MET B 113 -18.61 -28.31 39.75
CA MET B 113 -19.30 -28.72 40.93
C MET B 113 -18.61 -29.94 41.56
N GLU B 114 -18.90 -30.19 42.83
CA GLU B 114 -18.30 -31.31 43.53
C GLU B 114 -18.67 -32.66 42.97
N ASN B 115 -19.48 -32.72 41.90
CA ASN B 115 -19.82 -34.04 41.37
C ASN B 115 -18.62 -34.62 40.65
N PRO B 116 -18.20 -34.02 39.52
CA PRO B 116 -17.05 -34.53 38.78
C PRO B 116 -15.77 -34.45 39.62
N TRP B 117 -15.57 -33.30 40.27
CA TRP B 117 -14.41 -33.09 41.12
C TRP B 117 -14.62 -33.81 42.43
N VAL B 118 -13.55 -34.38 42.97
CA VAL B 118 -13.65 -35.07 44.24
C VAL B 118 -12.92 -34.25 45.32
N LYS B 119 -13.64 -34.00 46.41
CA LYS B 119 -13.15 -33.21 47.51
C LYS B 119 -11.92 -33.77 48.24
N VAL B 120 -10.93 -32.92 48.50
CA VAL B 120 -9.77 -33.38 49.26
C VAL B 120 -10.10 -33.07 50.71
N ASP B 121 -10.42 -31.81 50.98
CA ASP B 121 -10.78 -31.39 52.35
C ASP B 121 -11.18 -29.92 52.31
N THR B 122 -11.80 -29.43 53.40
CA THR B 122 -12.21 -28.03 53.52
C THR B 122 -11.17 -27.32 54.41
N ILE B 123 -10.35 -26.45 53.83
CA ILE B 123 -9.32 -25.77 54.61
C ILE B 123 -9.83 -24.53 55.36
N ALA B 124 -9.34 -24.36 56.59
CA ALA B 124 -9.73 -23.24 57.43
C ALA B 124 -8.56 -22.31 57.71
N ALA B 125 -8.86 -21.01 57.79
CA ALA B 125 -7.85 -20.00 58.07
C ALA B 125 -7.67 -19.88 59.57
N ASP B 126 -6.63 -20.50 60.13
CA ASP B 126 -6.45 -20.40 61.57
C ASP B 126 -5.69 -19.14 61.95
N GLU B 127 -5.74 -18.12 61.09
CA GLU B 127 -5.04 -16.87 61.36
C GLU B 127 -5.29 -15.85 60.25
N SER B 128 -6.14 -14.86 60.53
CA SER B 128 -6.41 -13.82 59.54
C SER B 128 -5.62 -12.56 59.90
N PHE B 129 -5.48 -11.64 58.95
CA PHE B 129 -4.73 -10.41 59.16
C PHE B 129 -5.64 -9.20 58.99
N SER B 130 -5.08 -8.01 59.21
CA SER B 130 -5.85 -6.80 59.09
C SER B 130 -4.96 -5.64 58.69
N GLN B 131 -3.67 -5.80 58.95
CA GLN B 131 -2.69 -4.77 58.66
C GLN B 131 -2.16 -4.73 57.24
N VAL B 132 -1.43 -5.77 56.86
CA VAL B 132 -0.78 -5.87 55.56
C VAL B 132 0.63 -5.34 55.77
N ASP B 133 1.53 -6.23 56.16
CA ASP B 133 2.91 -5.83 56.41
C ASP B 133 3.91 -6.71 55.66
N LEU B 134 4.46 -6.17 54.57
CA LEU B 134 5.43 -6.86 53.72
C LEU B 134 6.65 -7.42 54.45
N GLY B 135 6.85 -8.72 54.32
CA GLY B 135 7.98 -9.36 54.97
C GLY B 135 7.95 -9.06 56.45
N GLY B 136 6.83 -9.37 57.10
CA GLY B 136 6.72 -9.08 58.52
C GLY B 136 5.89 -10.02 59.37
N ARG B 137 4.56 -9.91 59.29
CA ARG B 137 3.67 -10.76 60.07
C ARG B 137 3.68 -12.18 59.51
N VAL B 138 4.88 -12.71 59.31
CA VAL B 138 5.08 -14.06 58.77
C VAL B 138 4.19 -15.09 59.46
N MET B 139 3.86 -14.85 60.71
CA MET B 139 3.02 -15.80 61.44
C MET B 139 1.56 -15.61 61.13
N LYS B 140 1.25 -14.69 60.22
CA LYS B 140 -0.14 -14.45 59.85
C LYS B 140 -0.47 -15.00 58.47
N ILE B 141 0.48 -15.72 57.86
CA ILE B 141 0.24 -16.37 56.59
C ILE B 141 -0.09 -17.80 57.01
N ASN B 142 -1.06 -18.42 56.37
CA ASN B 142 -1.40 -19.79 56.74
C ASN B 142 -0.63 -20.78 55.89
N THR B 143 -0.59 -22.01 56.35
CA THR B 143 0.09 -23.07 55.63
C THR B 143 -0.58 -24.37 56.01
N GLU B 144 -1.26 -24.97 55.04
CA GLU B 144 -1.95 -26.24 55.28
C GLU B 144 -1.54 -27.27 54.24
N VAL B 145 -1.46 -28.53 54.65
CA VAL B 145 -1.08 -29.60 53.75
C VAL B 145 -2.08 -30.75 53.78
N ARG B 146 -2.66 -31.07 52.63
CA ARG B 146 -3.62 -32.16 52.54
C ARG B 146 -3.12 -33.15 51.51
N SER B 147 -3.69 -34.36 51.50
CA SER B 147 -3.29 -35.39 50.54
C SER B 147 -4.53 -36.16 50.09
N PHE B 148 -4.50 -36.70 48.88
CA PHE B 148 -5.65 -37.45 48.40
C PHE B 148 -5.37 -38.78 47.73
N GLY B 149 -6.29 -39.71 48.00
CA GLY B 149 -6.30 -41.08 47.51
C GLY B 149 -5.27 -41.61 46.53
N PRO B 150 -5.60 -42.73 45.86
CA PRO B 150 -4.78 -43.43 44.87
C PRO B 150 -4.30 -42.61 43.68
N VAL B 151 -5.18 -42.12 42.82
CA VAL B 151 -4.71 -41.37 41.64
C VAL B 151 -3.87 -42.26 40.70
N SER B 152 -4.47 -42.67 39.58
CA SER B 152 -3.80 -43.57 38.62
C SER B 152 -3.67 -43.10 37.16
N ARG B 153 -4.34 -42.00 36.82
CA ARG B 153 -4.28 -41.48 35.48
C ARG B 153 -2.87 -40.91 35.19
N ASN B 154 -2.70 -40.30 34.02
CA ASN B 154 -1.40 -39.75 33.64
C ASN B 154 -1.17 -38.45 34.38
N GLY B 155 -2.26 -37.84 34.84
CA GLY B 155 -2.15 -36.58 35.55
C GLY B 155 -3.42 -36.18 36.31
N PHE B 156 -3.57 -34.89 36.58
CA PHE B 156 -4.72 -34.40 37.32
C PHE B 156 -4.71 -32.88 37.47
N TYR B 157 -5.86 -32.35 37.85
CA TYR B 157 -6.03 -30.92 38.08
C TYR B 157 -6.38 -30.76 39.55
N LEU B 158 -6.23 -29.53 40.04
CA LEU B 158 -6.60 -29.22 41.42
C LEU B 158 -7.48 -28.00 41.26
N ALA B 159 -8.55 -27.88 42.03
CA ALA B 159 -9.42 -26.70 41.95
C ALA B 159 -9.64 -26.16 43.36
N PHE B 160 -9.52 -24.84 43.50
CA PHE B 160 -9.72 -24.21 44.79
C PHE B 160 -11.01 -23.41 44.73
N GLN B 161 -11.99 -23.80 45.53
CA GLN B 161 -13.30 -23.16 45.56
C GLN B 161 -13.48 -22.16 46.72
N ASP B 162 -13.97 -20.97 46.37
CA ASP B 162 -14.25 -19.91 47.34
C ASP B 162 -15.76 -19.81 47.42
N TYR B 163 -16.26 -19.23 48.51
CA TYR B 163 -17.69 -19.05 48.70
C TYR B 163 -17.98 -18.06 49.81
N GLY B 164 -17.62 -16.80 49.60
CA GLY B 164 -17.90 -15.78 50.60
C GLY B 164 -16.75 -15.15 51.38
N GLY B 165 -15.60 -15.81 51.44
CA GLY B 165 -14.48 -15.25 52.18
C GLY B 165 -13.62 -14.29 51.38
N CYS B 166 -12.70 -13.62 52.07
CA CYS B 166 -11.78 -12.66 51.45
C CYS B 166 -10.34 -13.16 51.69
N MET B 167 -9.81 -13.95 50.76
CA MET B 167 -8.47 -14.55 50.88
C MET B 167 -7.56 -14.34 49.66
N SER B 168 -6.32 -14.82 49.77
CA SER B 168 -5.35 -14.72 48.68
C SER B 168 -4.42 -15.90 48.62
N LEU B 169 -4.71 -16.86 47.75
CA LEU B 169 -3.86 -18.04 47.61
C LEU B 169 -2.45 -17.55 47.22
N ILE B 170 -1.56 -17.52 48.21
CA ILE B 170 -0.20 -17.03 48.02
C ILE B 170 0.74 -18.01 47.32
N ALA B 171 0.61 -19.28 47.66
CA ALA B 171 1.46 -20.30 47.07
C ALA B 171 0.81 -21.66 47.20
N VAL B 172 1.00 -22.50 46.19
CA VAL B 172 0.48 -23.85 46.26
C VAL B 172 1.61 -24.69 45.71
N ARG B 173 1.84 -25.84 46.33
CA ARG B 173 2.90 -26.72 45.89
C ARG B 173 2.48 -28.17 45.95
N VAL B 174 2.54 -28.83 44.80
CA VAL B 174 2.15 -30.23 44.70
C VAL B 174 3.38 -31.12 44.60
N PHE B 175 3.41 -32.17 45.40
CA PHE B 175 4.55 -33.08 45.43
C PHE B 175 4.16 -34.46 45.92
N TYR B 176 5.14 -35.34 46.08
CA TYR B 176 4.90 -36.69 46.57
C TYR B 176 6.14 -37.29 47.21
N ARG B 177 5.95 -38.30 48.05
CA ARG B 177 7.06 -38.99 48.71
C ARG B 177 7.53 -40.02 47.70
N LYS B 178 8.82 -39.97 47.38
CA LYS B 178 9.39 -40.88 46.39
C LYS B 178 9.21 -42.36 46.79
N CYS B 179 9.56 -42.68 48.04
CA CYS B 179 9.44 -44.05 48.53
C CYS B 179 8.45 -44.14 49.68
N PRO B 180 7.82 -45.32 49.84
CA PRO B 180 6.83 -45.60 50.89
C PRO B 180 7.32 -45.34 52.29
N ARG B 181 6.36 -45.30 53.21
CA ARG B 181 6.58 -45.07 54.65
C ARG B 181 8.03 -45.32 55.08
N ALA C 1 13.29 -15.25 -4.38
CA ALA C 1 14.31 -14.94 -3.33
C ALA C 1 13.69 -14.18 -2.15
N GLU C 2 12.98 -14.90 -1.29
CA GLU C 2 12.32 -14.28 -0.16
C GLU C 2 12.72 -14.81 1.21
N GLU C 3 12.03 -14.29 2.23
CA GLU C 3 12.24 -14.65 3.61
C GLU C 3 10.84 -14.54 4.22
N THR C 4 10.32 -15.66 4.70
CA THR C 4 8.98 -15.68 5.27
C THR C 4 9.00 -15.33 6.74
N LEU C 5 8.15 -14.39 7.14
CA LEU C 5 8.09 -13.97 8.53
C LEU C 5 6.94 -14.63 9.29
N MET C 6 5.98 -15.20 8.59
CA MET C 6 4.86 -15.89 9.22
C MET C 6 4.15 -16.61 8.12
N ASP C 7 3.76 -17.85 8.37
CA ASP C 7 3.10 -18.64 7.36
C ASP C 7 1.68 -19.07 7.69
N SER C 8 1.44 -19.51 8.91
CA SER C 8 0.10 -19.93 9.35
C SER C 8 -0.31 -21.33 8.88
N THR C 9 0.13 -21.74 7.69
CA THR C 9 -0.22 -23.08 7.21
C THR C 9 0.86 -24.01 7.72
N THR C 10 1.27 -23.79 8.95
CA THR C 10 2.35 -24.58 9.50
C THR C 10 2.07 -25.00 10.95
N ALA C 11 0.95 -24.51 11.48
CA ALA C 11 0.55 -24.73 12.87
C ALA C 11 0.28 -26.12 13.47
N THR C 12 -0.65 -26.87 12.88
CA THR C 12 -1.08 -28.20 13.37
C THR C 12 -1.91 -28.07 14.66
N ALA C 13 -2.09 -26.83 15.12
CA ALA C 13 -2.86 -26.53 16.32
C ALA C 13 -3.14 -25.04 16.41
N GLU C 14 -4.09 -24.64 17.25
CA GLU C 14 -4.44 -23.23 17.41
C GLU C 14 -3.39 -22.20 16.99
N LEU C 15 -3.81 -21.26 16.15
CA LEU C 15 -2.95 -20.19 15.69
C LEU C 15 -2.92 -19.07 16.72
N GLY C 16 -4.01 -18.97 17.50
CA GLY C 16 -4.11 -17.97 18.54
C GLY C 16 -4.34 -16.55 18.10
N TRP C 17 -4.93 -16.35 16.94
CA TRP C 17 -5.20 -14.98 16.51
C TRP C 17 -6.37 -14.47 17.36
N MET C 18 -6.35 -13.18 17.68
CA MET C 18 -7.41 -12.57 18.47
C MET C 18 -8.56 -12.25 17.55
N VAL C 19 -9.75 -12.71 17.91
CA VAL C 19 -10.94 -12.45 17.10
C VAL C 19 -11.78 -11.44 17.88
N HIS C 20 -12.01 -10.27 17.31
CA HIS C 20 -12.78 -9.28 18.07
C HIS C 20 -14.17 -9.78 18.47
N PRO C 21 -15.22 -9.50 17.68
CA PRO C 21 -16.46 -10.07 18.24
C PRO C 21 -16.28 -11.59 18.19
N PRO C 22 -16.30 -12.26 19.35
CA PRO C 22 -16.12 -13.71 19.31
C PRO C 22 -17.15 -14.35 18.39
N SER C 23 -18.23 -13.62 18.15
CA SER C 23 -19.29 -14.08 17.28
C SER C 23 -18.98 -13.87 15.81
N GLY C 24 -17.84 -13.24 15.53
CA GLY C 24 -17.44 -12.96 14.16
C GLY C 24 -16.65 -14.11 13.57
N TRP C 25 -15.34 -13.92 13.41
CA TRP C 25 -14.50 -14.97 12.86
C TRP C 25 -14.31 -16.10 13.87
N GLU C 26 -14.00 -17.29 13.36
CA GLU C 26 -13.72 -18.42 14.22
C GLU C 26 -12.66 -19.32 13.54
N GLU C 27 -11.84 -19.97 14.36
CA GLU C 27 -10.78 -20.83 13.84
C GLU C 27 -11.37 -22.19 13.54
N VAL C 28 -11.09 -22.70 12.33
CA VAL C 28 -11.61 -23.98 11.85
C VAL C 28 -10.56 -24.68 10.98
N SER C 29 -10.53 -26.00 11.03
CA SER C 29 -9.59 -26.77 10.22
C SER C 29 -10.10 -27.04 8.81
N GLY C 30 -9.22 -26.83 7.82
CA GLY C 30 -9.57 -27.05 6.44
C GLY C 30 -8.44 -27.76 5.71
N TYR C 31 -8.33 -27.57 4.39
CA TYR C 31 -7.26 -28.23 3.65
C TYR C 31 -6.55 -27.31 2.68
N ASP C 32 -5.55 -27.86 1.99
CA ASP C 32 -4.79 -27.14 0.98
C ASP C 32 -4.89 -27.93 -0.34
N GLU C 33 -4.16 -27.52 -1.36
CA GLU C 33 -4.23 -28.23 -2.64
C GLU C 33 -3.95 -29.72 -2.51
N ASN C 34 -2.93 -30.05 -1.71
CA ASN C 34 -2.51 -31.43 -1.50
C ASN C 34 -3.28 -32.19 -0.43
N MET C 35 -4.36 -31.62 0.08
CA MET C 35 -5.14 -32.29 1.11
C MET C 35 -4.45 -32.41 2.47
N ASN C 36 -3.65 -31.42 2.82
CA ASN C 36 -3.01 -31.39 4.13
C ASN C 36 -3.91 -30.55 5.03
N THR C 37 -4.05 -30.93 6.30
CA THR C 37 -4.89 -30.17 7.20
C THR C 37 -4.24 -28.83 7.57
N ILE C 38 -5.03 -27.77 7.60
CA ILE C 38 -4.52 -26.44 7.92
C ILE C 38 -5.49 -25.62 8.74
N ARG C 39 -4.92 -24.70 9.52
CA ARG C 39 -5.69 -23.81 10.38
C ARG C 39 -6.21 -22.64 9.53
N THR C 40 -7.50 -22.40 9.57
CA THR C 40 -8.10 -21.31 8.80
C THR C 40 -9.08 -20.52 9.67
N TYR C 41 -9.42 -19.31 9.24
CA TYR C 41 -10.40 -18.48 9.93
C TYR C 41 -11.46 -18.15 8.91
N GLN C 42 -12.71 -18.14 9.34
CA GLN C 42 -13.84 -17.87 8.46
C GLN C 42 -14.94 -17.09 9.17
N VAL C 43 -15.67 -16.26 8.43
CA VAL C 43 -16.80 -15.49 8.97
C VAL C 43 -17.96 -15.58 7.99
N CYS C 44 -19.15 -15.82 8.51
CA CYS C 44 -20.31 -15.93 7.64
C CYS C 44 -21.59 -15.41 8.30
N ASN C 45 -21.51 -14.24 8.93
CA ASN C 45 -22.68 -13.63 9.56
C ASN C 45 -23.53 -12.93 8.52
N VAL C 46 -23.89 -13.68 7.49
CA VAL C 46 -24.69 -13.14 6.41
C VAL C 46 -26.17 -13.05 6.80
N PHE C 47 -26.57 -13.89 7.75
CA PHE C 47 -27.95 -13.91 8.21
C PHE C 47 -28.18 -13.02 9.43
N GLU C 48 -27.35 -11.99 9.57
CA GLU C 48 -27.47 -11.03 10.68
C GLU C 48 -27.32 -9.61 10.14
N SER C 49 -26.80 -8.69 10.95
CA SER C 49 -26.63 -7.31 10.52
C SER C 49 -25.73 -6.43 11.39
N SER C 50 -25.25 -5.34 10.80
CA SER C 50 -24.36 -4.38 11.47
C SER C 50 -22.98 -5.01 11.69
N GLN C 51 -22.58 -5.91 10.80
CA GLN C 51 -21.32 -6.60 10.92
C GLN C 51 -20.04 -5.79 10.76
N ASN C 52 -19.16 -5.95 11.74
CA ASN C 52 -17.84 -5.30 11.78
C ASN C 52 -16.97 -6.28 12.60
N ASN C 53 -16.49 -7.34 11.94
CA ASN C 53 -15.70 -8.36 12.59
C ASN C 53 -14.19 -8.27 12.33
N TRP C 54 -13.41 -8.28 13.39
CA TRP C 54 -11.95 -8.21 13.26
C TRP C 54 -11.21 -9.49 13.63
N LEU C 55 -10.10 -9.71 12.97
CA LEU C 55 -9.26 -10.87 13.21
C LEU C 55 -7.85 -10.34 13.26
N ARG C 56 -7.25 -10.37 14.44
CA ARG C 56 -5.90 -9.84 14.60
C ARG C 56 -4.84 -10.90 14.77
N THR C 57 -3.81 -10.81 13.93
CA THR C 57 -2.65 -11.72 13.95
C THR C 57 -1.84 -11.65 15.23
N LYS C 58 -0.96 -12.62 15.43
CA LYS C 58 -0.07 -12.58 16.58
C LYS C 58 0.89 -11.46 16.28
N PHE C 59 1.91 -11.31 17.12
CA PHE C 59 2.91 -10.29 16.89
C PHE C 59 3.98 -10.87 15.97
N ILE C 60 4.21 -10.23 14.84
CA ILE C 60 5.22 -10.71 13.89
C ILE C 60 6.47 -9.85 13.95
N ARG C 61 7.62 -10.48 14.07
CA ARG C 61 8.88 -9.75 14.13
C ARG C 61 9.34 -9.34 12.74
N ARG C 62 9.64 -8.06 12.58
CA ARG C 62 10.11 -7.50 11.32
C ARG C 62 11.42 -8.12 10.83
N ARG C 63 12.19 -8.68 11.76
CA ARG C 63 13.48 -9.30 11.45
C ARG C 63 14.30 -8.53 10.42
N GLY C 64 14.33 -7.21 10.57
CA GLY C 64 15.09 -6.38 9.65
C GLY C 64 14.56 -6.40 8.23
N ALA C 65 13.35 -5.88 8.04
CA ALA C 65 12.74 -5.83 6.72
C ALA C 65 12.17 -4.43 6.55
N HIS C 66 12.25 -3.89 5.35
CA HIS C 66 11.74 -2.54 5.15
C HIS C 66 10.35 -2.52 4.53
N ARG C 67 10.12 -3.36 3.53
CA ARG C 67 8.80 -3.42 2.92
C ARG C 67 8.24 -4.80 3.17
N ILE C 68 7.03 -4.85 3.72
CA ILE C 68 6.39 -6.12 4.03
C ILE C 68 5.39 -6.59 2.97
N HIS C 69 5.39 -7.88 2.71
CA HIS C 69 4.46 -8.49 1.76
C HIS C 69 3.53 -9.44 2.50
N VAL C 70 2.29 -9.52 2.07
CA VAL C 70 1.31 -10.38 2.71
C VAL C 70 0.61 -11.17 1.62
N GLU C 71 0.72 -12.49 1.66
CA GLU C 71 0.07 -13.31 0.63
C GLU C 71 -1.18 -13.93 1.22
N MET C 72 -2.34 -13.55 0.69
CA MET C 72 -3.60 -14.06 1.21
C MET C 72 -4.31 -14.98 0.23
N LYS C 73 -4.63 -16.19 0.70
CA LYS C 73 -5.37 -17.18 -0.07
C LYS C 73 -6.66 -17.38 0.67
N PHE C 74 -7.78 -17.21 -0.01
CA PHE C 74 -9.07 -17.34 0.66
C PHE C 74 -10.19 -17.76 -0.29
N SER C 75 -11.36 -18.06 0.27
CA SER C 75 -12.51 -18.45 -0.54
C SER C 75 -13.74 -17.70 -0.06
N VAL C 76 -14.60 -17.36 -1.00
CA VAL C 76 -15.82 -16.61 -0.70
C VAL C 76 -17.05 -17.38 -1.15
N ARG C 77 -17.88 -17.75 -0.19
CA ARG C 77 -19.12 -18.46 -0.45
C ARG C 77 -20.10 -17.52 -1.13
N ASP C 78 -20.89 -18.06 -2.06
CA ASP C 78 -21.87 -17.25 -2.77
C ASP C 78 -23.17 -17.23 -1.97
N CYS C 79 -23.74 -16.05 -1.82
CA CYS C 79 -24.99 -15.84 -1.08
C CYS C 79 -26.11 -16.78 -1.52
N SER C 80 -26.13 -17.10 -2.81
CA SER C 80 -27.15 -18.00 -3.36
C SER C 80 -26.77 -19.45 -3.14
N SER C 81 -26.31 -19.76 -1.93
CA SER C 81 -25.93 -21.13 -1.58
C SER C 81 -26.35 -21.32 -0.13
N ILE C 82 -26.54 -20.19 0.54
CA ILE C 82 -26.95 -20.17 1.94
C ILE C 82 -28.46 -19.98 1.99
N PRO C 83 -29.19 -20.92 2.60
CA PRO C 83 -30.65 -20.88 2.73
C PRO C 83 -31.21 -19.66 3.44
N SER C 84 -30.34 -18.87 4.08
CA SER C 84 -30.78 -17.67 4.78
C SER C 84 -29.90 -16.45 4.49
N VAL C 85 -30.29 -15.67 3.48
CA VAL C 85 -29.53 -14.50 3.07
C VAL C 85 -30.37 -13.29 2.70
N PRO C 86 -30.20 -12.18 3.44
CA PRO C 86 -30.90 -10.89 3.27
C PRO C 86 -30.29 -10.13 2.09
N GLY C 87 -30.16 -8.82 2.26
CA GLY C 87 -29.61 -7.97 1.21
C GLY C 87 -28.10 -7.81 1.21
N SER C 88 -27.47 -7.90 2.39
CA SER C 88 -26.02 -7.76 2.50
C SER C 88 -25.26 -8.91 1.82
N CYS C 89 -24.32 -9.50 2.54
CA CYS C 89 -23.51 -10.63 2.05
C CYS C 89 -22.42 -10.12 1.08
N LYS C 90 -21.52 -9.29 1.62
CA LYS C 90 -20.42 -8.67 0.86
C LYS C 90 -19.37 -9.64 0.32
N GLU C 91 -18.53 -9.12 -0.56
CA GLU C 91 -17.47 -9.92 -1.17
C GLU C 91 -16.11 -9.24 -1.18
N THR C 92 -15.84 -8.48 -0.14
CA THR C 92 -14.53 -7.81 0.00
C THR C 92 -14.16 -7.79 1.47
N PHE C 93 -12.96 -7.33 1.78
CA PHE C 93 -12.53 -7.24 3.17
C PHE C 93 -11.28 -6.40 3.29
N ASN C 94 -11.12 -5.73 4.43
CA ASN C 94 -9.95 -4.89 4.62
C ASN C 94 -8.80 -5.55 5.37
N LEU C 95 -7.59 -5.20 4.94
CA LEU C 95 -6.35 -5.67 5.56
C LEU C 95 -5.62 -4.48 6.16
N TYR C 96 -5.33 -4.54 7.47
CA TYR C 96 -4.61 -3.45 8.13
C TYR C 96 -3.39 -4.04 8.79
N TYR C 97 -2.54 -3.16 9.31
CA TYR C 97 -1.35 -3.61 10.03
C TYR C 97 -1.12 -2.60 11.15
N TYR C 98 -0.19 -2.91 12.05
CA TYR C 98 0.09 -2.05 13.20
C TYR C 98 1.49 -2.36 13.67
N GLU C 99 2.39 -1.39 13.67
CA GLU C 99 3.75 -1.64 14.13
C GLU C 99 3.82 -1.50 15.65
N ALA C 100 4.87 -2.08 16.24
CA ALA C 100 5.07 -2.03 17.68
C ALA C 100 6.38 -2.72 18.01
N ASP C 101 7.10 -2.20 19.01
CA ASP C 101 8.38 -2.79 19.42
C ASP C 101 8.25 -4.02 20.32
N PHE C 102 7.08 -4.18 20.95
CA PHE C 102 6.83 -5.33 21.82
C PHE C 102 5.38 -5.74 21.62
N ASP C 103 5.00 -6.95 22.03
CA ASP C 103 3.61 -7.37 21.91
C ASP C 103 2.64 -6.28 22.37
N LEU C 104 2.40 -6.24 23.66
CA LEU C 104 1.51 -5.24 24.25
C LEU C 104 0.06 -5.27 23.77
N ALA C 105 -0.21 -5.93 22.65
CA ALA C 105 -1.60 -5.97 22.19
C ALA C 105 -2.39 -6.72 23.25
N THR C 106 -3.60 -6.26 23.53
CA THR C 106 -4.47 -6.93 24.51
C THR C 106 -5.85 -7.16 23.91
N LYS C 107 -6.76 -7.75 24.69
CA LYS C 107 -8.12 -8.02 24.21
C LYS C 107 -8.82 -6.72 23.83
N THR C 108 -8.19 -5.59 24.18
CA THR C 108 -8.80 -4.31 23.88
C THR C 108 -7.88 -3.15 23.49
N PHE C 109 -6.56 -3.29 23.59
CA PHE C 109 -5.70 -2.15 23.28
C PHE C 109 -5.67 -1.59 21.87
N PRO C 110 -4.94 -2.22 20.92
CA PRO C 110 -5.03 -1.54 19.63
C PRO C 110 -6.51 -1.51 19.24
N ASN C 111 -7.12 -0.33 19.36
CA ASN C 111 -8.52 -0.15 19.05
C ASN C 111 -8.90 -0.85 17.76
N TRP C 112 -10.01 -1.55 17.81
CA TRP C 112 -10.49 -2.27 16.66
C TRP C 112 -11.10 -1.35 15.61
N MET C 113 -10.28 -0.48 15.03
CA MET C 113 -10.74 0.45 14.02
C MET C 113 -9.56 1.02 13.23
N GLU C 114 -9.84 1.49 12.02
CA GLU C 114 -8.81 2.06 11.17
C GLU C 114 -8.18 3.25 11.86
N ASN C 115 -8.73 3.65 13.00
CA ASN C 115 -8.14 4.75 13.73
C ASN C 115 -6.65 4.45 13.95
N PRO C 116 -6.30 3.60 14.92
CA PRO C 116 -4.88 3.30 15.12
C PRO C 116 -4.25 2.45 14.01
N TRP C 117 -5.02 1.54 13.44
CA TRP C 117 -4.53 0.65 12.37
C TRP C 117 -4.41 1.35 11.04
N VAL C 118 -3.33 1.07 10.33
CA VAL C 118 -3.10 1.65 9.01
C VAL C 118 -3.71 0.71 7.98
N LYS C 119 -4.54 1.25 7.08
CA LYS C 119 -5.13 0.40 6.07
C LYS C 119 -4.12 0.10 4.97
N VAL C 120 -4.06 -1.17 4.57
CA VAL C 120 -3.14 -1.54 3.50
C VAL C 120 -3.88 -1.43 2.18
N ASP C 121 -5.05 -2.07 2.13
CA ASP C 121 -5.84 -2.06 0.91
C ASP C 121 -7.14 -2.86 1.11
N THR C 122 -8.13 -2.62 0.27
CA THR C 122 -9.39 -3.35 0.39
C THR C 122 -9.30 -4.52 -0.59
N ILE C 123 -9.31 -5.74 -0.07
CA ILE C 123 -9.21 -6.94 -0.90
C ILE C 123 -10.60 -7.40 -1.32
N ALA C 124 -10.73 -7.90 -2.55
CA ALA C 124 -12.04 -8.32 -3.05
C ALA C 124 -12.15 -9.76 -3.54
N ALA C 125 -13.31 -10.36 -3.31
CA ALA C 125 -13.57 -11.73 -3.76
C ALA C 125 -13.50 -11.69 -5.27
N ASP C 126 -12.44 -12.24 -5.83
CA ASP C 126 -12.28 -12.22 -7.27
C ASP C 126 -12.97 -13.41 -7.91
N GLU C 127 -13.39 -14.37 -7.09
CA GLU C 127 -14.04 -15.57 -7.56
C GLU C 127 -15.00 -16.01 -6.45
N SER C 128 -15.85 -17.00 -6.73
CA SER C 128 -16.81 -17.47 -5.72
C SER C 128 -17.21 -18.91 -5.99
N PHE C 129 -17.69 -19.59 -4.95
CA PHE C 129 -18.12 -20.98 -5.12
C PHE C 129 -19.49 -21.20 -4.51
N SER C 130 -20.03 -22.40 -4.70
CA SER C 130 -21.35 -22.74 -4.19
C SER C 130 -21.40 -24.17 -3.65
N GLN C 131 -20.51 -25.02 -4.17
CA GLN C 131 -20.43 -26.39 -3.70
C GLN C 131 -19.01 -26.61 -3.20
N VAL C 132 -18.89 -27.18 -2.01
CA VAL C 132 -17.56 -27.46 -1.46
C VAL C 132 -16.93 -28.49 -2.40
N ASP C 133 -15.64 -28.35 -2.68
CA ASP C 133 -14.97 -29.28 -3.58
C ASP C 133 -13.56 -29.62 -3.12
N LEU C 134 -13.44 -30.52 -2.14
CA LEU C 134 -12.14 -30.92 -1.61
C LEU C 134 -11.15 -31.36 -2.69
N GLY C 135 -9.96 -30.75 -2.65
CA GLY C 135 -8.91 -31.07 -3.61
C GLY C 135 -9.13 -30.62 -5.03
N GLY C 136 -10.27 -29.98 -5.28
CA GLY C 136 -10.61 -29.51 -6.62
C GLY C 136 -10.97 -28.04 -6.73
N ARG C 137 -11.05 -27.53 -7.96
CA ARG C 137 -11.37 -26.13 -8.20
C ARG C 137 -10.36 -25.17 -7.58
N VAL C 138 -9.07 -25.44 -7.76
CA VAL C 138 -8.04 -24.57 -7.22
C VAL C 138 -8.24 -23.13 -7.74
N MET C 139 -9.05 -22.98 -8.78
CA MET C 139 -9.25 -21.65 -9.34
C MET C 139 -10.40 -20.92 -8.65
N LYS C 140 -10.99 -21.58 -7.67
CA LYS C 140 -12.08 -20.96 -6.93
C LYS C 140 -11.55 -20.35 -5.65
N ILE C 141 -10.29 -20.64 -5.38
CA ILE C 141 -9.63 -20.14 -4.20
C ILE C 141 -8.97 -18.86 -4.72
N ASN C 142 -9.03 -17.76 -3.96
CA ASN C 142 -8.40 -16.52 -4.42
C ASN C 142 -6.99 -16.41 -3.91
N THR C 143 -6.23 -15.50 -4.51
CA THR C 143 -4.86 -15.28 -4.08
C THR C 143 -4.51 -13.86 -4.46
N GLU C 144 -4.44 -13.01 -3.46
CA GLU C 144 -4.09 -11.61 -3.64
C GLU C 144 -2.84 -11.39 -2.81
N VAL C 145 -1.98 -10.47 -3.24
CA VAL C 145 -0.73 -10.20 -2.53
C VAL C 145 -0.43 -8.71 -2.43
N ARG C 146 -0.40 -8.20 -1.21
CA ARG C 146 -0.14 -6.77 -1.00
C ARG C 146 1.16 -6.49 -0.26
N SER C 147 1.53 -5.22 -0.26
CA SER C 147 2.74 -4.82 0.43
C SER C 147 2.44 -3.50 1.09
N PHE C 148 3.13 -3.21 2.18
CA PHE C 148 2.92 -1.95 2.84
C PHE C 148 4.18 -1.21 3.24
N GLY C 149 4.04 0.13 3.23
CA GLY C 149 5.08 1.11 3.54
C GLY C 149 6.23 0.68 4.41
N PRO C 150 7.27 1.53 4.55
CA PRO C 150 8.42 1.19 5.37
C PRO C 150 8.01 0.96 6.81
N VAL C 151 8.53 -0.11 7.41
CA VAL C 151 8.25 -0.49 8.80
C VAL C 151 9.53 -0.34 9.62
N SER C 152 9.47 0.46 10.68
CA SER C 152 10.65 0.70 11.51
C SER C 152 10.62 0.03 12.89
N ARG C 153 9.44 -0.07 13.48
CA ARG C 153 9.31 -0.69 14.79
C ARG C 153 9.78 -2.13 14.65
N ASN C 154 10.08 -2.80 15.77
CA ASN C 154 10.55 -4.19 15.75
C ASN C 154 9.62 -5.21 15.13
N GLY C 155 8.32 -5.01 15.29
CA GLY C 155 7.38 -5.96 14.73
C GLY C 155 6.06 -5.32 14.37
N PHE C 156 5.06 -6.15 14.12
CA PHE C 156 3.75 -5.64 13.72
C PHE C 156 2.68 -6.73 13.73
N TYR C 157 1.43 -6.28 13.75
CA TYR C 157 0.28 -7.18 13.70
C TYR C 157 -0.53 -6.83 12.47
N LEU C 158 -1.06 -7.84 11.79
CA LEU C 158 -1.90 -7.59 10.64
C LEU C 158 -3.27 -7.85 11.21
N ALA C 159 -4.31 -7.24 10.64
CA ALA C 159 -5.67 -7.47 11.12
C ALA C 159 -6.53 -7.53 9.87
N PHE C 160 -7.46 -8.48 9.83
CA PHE C 160 -8.34 -8.59 8.67
C PHE C 160 -9.75 -8.28 9.15
N GLN C 161 -10.36 -7.28 8.54
CA GLN C 161 -11.70 -6.84 8.92
C GLN C 161 -12.82 -7.25 7.96
N ASP C 162 -13.81 -7.96 8.52
CA ASP C 162 -14.98 -8.40 7.77
C ASP C 162 -16.18 -7.50 8.08
N TYR C 163 -17.10 -7.39 7.13
CA TYR C 163 -18.29 -6.57 7.31
C TYR C 163 -19.47 -6.97 6.44
N GLY C 164 -19.89 -8.23 6.55
CA GLY C 164 -21.04 -8.69 5.80
C GLY C 164 -20.94 -9.89 4.88
N GLY C 165 -19.73 -10.32 4.52
CA GLY C 165 -19.63 -11.45 3.61
C GLY C 165 -19.54 -12.82 4.25
N CYS C 166 -19.39 -13.84 3.41
CA CYS C 166 -19.27 -15.21 3.90
C CYS C 166 -17.98 -15.78 3.29
N MET C 167 -16.84 -15.50 3.91
CA MET C 167 -15.54 -15.97 3.42
C MET C 167 -14.77 -16.89 4.37
N SER C 168 -13.56 -17.24 3.94
CA SER C 168 -12.67 -18.10 4.72
C SER C 168 -11.26 -17.79 4.34
N LEU C 169 -10.43 -17.47 5.31
CA LEU C 169 -9.03 -17.14 5.02
C LEU C 169 -8.24 -18.46 5.14
N ILE C 170 -7.98 -19.07 3.98
CA ILE C 170 -7.28 -20.36 3.91
C ILE C 170 -5.84 -20.31 4.36
N ALA C 171 -5.13 -19.26 3.98
CA ALA C 171 -3.72 -19.14 4.34
C ALA C 171 -3.24 -17.70 4.25
N VAL C 172 -2.28 -17.37 5.10
CA VAL C 172 -1.71 -16.03 5.12
C VAL C 172 -0.19 -16.18 5.24
N ARG C 173 0.56 -15.42 4.46
CA ARG C 173 1.99 -15.52 4.54
C ARG C 173 2.71 -14.19 4.41
N VAL C 174 3.18 -13.69 5.53
CA VAL C 174 3.89 -12.45 5.54
C VAL C 174 5.34 -12.77 5.16
N PHE C 175 5.98 -11.87 4.43
CA PHE C 175 7.37 -12.09 4.04
C PHE C 175 7.97 -10.83 3.46
N TYR C 176 9.27 -10.86 3.21
CA TYR C 176 9.91 -9.72 2.59
C TYR C 176 10.83 -10.24 1.52
N ARG C 177 11.16 -9.37 0.56
CA ARG C 177 12.01 -9.79 -0.53
C ARG C 177 13.43 -9.29 -0.36
N LYS C 178 14.34 -10.22 -0.11
CA LYS C 178 15.75 -9.88 0.01
C LYS C 178 16.14 -9.71 -1.46
N CYS C 179 16.98 -8.72 -1.77
CA CYS C 179 17.42 -8.45 -3.14
C CYS C 179 16.43 -7.58 -3.90
N PRO C 180 16.68 -6.26 -3.96
CA PRO C 180 15.80 -5.31 -4.67
C PRO C 180 15.98 -5.48 -6.18
N ARG C 181 16.09 -6.73 -6.61
CA ARG C 181 16.31 -7.12 -8.01
C ARG C 181 17.74 -7.61 -8.19
N ALA D 1 -20.59 5.04 -4.00
CA ALA D 1 -20.14 5.24 -5.41
C ALA D 1 -18.70 5.74 -5.45
N GLU D 2 -18.06 5.59 -6.62
CA GLU D 2 -16.66 6.01 -6.80
C GLU D 2 -16.54 7.40 -7.43
N GLU D 3 -15.31 7.89 -7.47
CA GLU D 3 -15.01 9.21 -8.03
C GLU D 3 -13.74 9.09 -8.87
N THR D 4 -13.90 8.78 -10.14
CA THR D 4 -12.75 8.64 -11.01
C THR D 4 -12.03 9.97 -11.21
N LEU D 5 -10.71 9.94 -11.05
CA LEU D 5 -9.85 11.11 -11.20
C LEU D 5 -9.06 11.12 -12.52
N MET D 6 -9.03 9.98 -13.21
CA MET D 6 -8.33 9.85 -14.49
C MET D 6 -8.71 8.52 -15.13
N ASP D 7 -8.82 8.48 -16.45
CA ASP D 7 -9.20 7.21 -17.07
C ASP D 7 -8.27 6.65 -18.16
N SER D 8 -8.00 7.42 -19.21
CA SER D 8 -7.13 7.00 -20.31
C SER D 8 -7.87 6.19 -21.37
N THR D 9 -8.88 5.42 -20.97
CA THR D 9 -9.66 4.67 -21.94
C THR D 9 -10.66 5.69 -22.43
N THR D 10 -10.15 6.88 -22.72
CA THR D 10 -10.96 7.99 -23.14
C THR D 10 -9.99 9.09 -23.48
N ALA D 11 -9.35 8.99 -24.65
CA ALA D 11 -8.39 10.00 -25.06
C ALA D 11 -8.46 10.14 -26.56
N THR D 12 -8.54 8.98 -27.20
CA THR D 12 -8.64 8.88 -28.65
C THR D 12 -7.61 9.72 -29.38
N ALA D 13 -6.51 9.98 -28.68
CA ALA D 13 -5.38 10.75 -29.21
C ALA D 13 -4.16 10.42 -28.35
N GLU D 14 -3.23 11.36 -28.26
CA GLU D 14 -2.02 11.16 -27.49
C GLU D 14 -2.29 11.39 -26.00
N LEU D 15 -1.95 10.43 -25.15
CA LEU D 15 -2.15 10.57 -23.71
C LEU D 15 -1.16 11.56 -23.15
N GLY D 16 0.01 11.61 -23.77
CA GLY D 16 1.07 12.53 -23.35
C GLY D 16 1.79 12.16 -22.07
N TRP D 17 1.87 10.88 -21.77
CA TRP D 17 2.57 10.47 -20.56
C TRP D 17 4.07 10.53 -20.84
N MET D 18 4.86 10.67 -19.79
CA MET D 18 6.30 10.77 -19.92
C MET D 18 6.99 9.42 -19.85
N VAL D 19 7.71 9.05 -20.90
CA VAL D 19 8.43 7.78 -20.89
C VAL D 19 9.88 8.12 -20.64
N HIS D 20 10.44 7.63 -19.54
CA HIS D 20 11.83 7.99 -19.26
C HIS D 20 12.72 7.53 -20.40
N PRO D 21 13.23 6.29 -20.36
CA PRO D 21 14.07 5.95 -21.52
C PRO D 21 13.11 5.79 -22.72
N PRO D 22 13.23 6.64 -23.75
CA PRO D 22 12.34 6.48 -24.90
C PRO D 22 12.42 5.08 -25.52
N SER D 23 13.52 4.39 -25.20
CA SER D 23 13.74 3.04 -25.70
C SER D 23 12.77 2.04 -25.09
N GLY D 24 12.26 2.36 -23.90
CA GLY D 24 11.33 1.48 -23.23
C GLY D 24 9.88 1.71 -23.66
N TRP D 25 9.02 2.00 -22.69
CA TRP D 25 7.61 2.24 -22.95
C TRP D 25 7.36 3.13 -24.16
N GLU D 26 6.28 2.84 -24.88
CA GLU D 26 5.89 3.61 -26.05
C GLU D 26 4.37 3.56 -26.23
N GLU D 27 3.82 4.68 -26.66
CA GLU D 27 2.40 4.87 -26.89
C GLU D 27 1.94 4.12 -28.14
N VAL D 28 1.01 3.18 -27.97
CA VAL D 28 0.47 2.42 -29.09
C VAL D 28 -1.02 2.14 -28.90
N SER D 29 -1.80 2.25 -29.97
CA SER D 29 -3.23 2.01 -29.93
C SER D 29 -3.53 0.53 -29.83
N GLY D 30 -4.66 0.24 -29.18
CA GLY D 30 -5.13 -1.13 -28.99
C GLY D 30 -6.63 -1.09 -28.82
N TYR D 31 -7.22 -2.22 -28.41
CA TYR D 31 -8.66 -2.27 -28.24
C TYR D 31 -9.09 -2.66 -26.84
N ASP D 32 -10.40 -2.62 -26.59
CA ASP D 32 -10.91 -3.02 -25.29
C ASP D 32 -11.90 -4.19 -25.52
N GLU D 33 -12.35 -4.81 -24.44
CA GLU D 33 -13.29 -5.94 -24.51
C GLU D 33 -14.23 -5.80 -25.70
N ASN D 34 -14.79 -4.59 -25.85
CA ASN D 34 -15.74 -4.24 -26.90
C ASN D 34 -15.18 -3.71 -28.21
N MET D 35 -13.93 -4.03 -28.51
CA MET D 35 -13.27 -3.59 -29.75
C MET D 35 -13.25 -2.09 -30.03
N ASN D 36 -13.28 -1.27 -28.99
CA ASN D 36 -13.20 0.17 -29.19
C ASN D 36 -11.72 0.53 -29.05
N THR D 37 -11.27 1.42 -29.92
CA THR D 37 -9.87 1.85 -29.94
C THR D 37 -9.47 2.66 -28.70
N ILE D 38 -8.39 2.22 -28.03
CA ILE D 38 -7.90 2.90 -26.83
C ILE D 38 -6.39 3.15 -26.88
N ARG D 39 -5.92 4.06 -26.04
CA ARG D 39 -4.50 4.39 -25.96
C ARG D 39 -3.85 3.51 -24.90
N THR D 40 -2.79 2.81 -25.29
CA THR D 40 -2.11 1.94 -24.35
C THR D 40 -0.59 2.10 -24.41
N TYR D 41 0.09 1.74 -23.34
CA TYR D 41 1.53 1.82 -23.35
C TYR D 41 2.06 0.41 -23.27
N GLN D 42 3.26 0.20 -23.78
CA GLN D 42 3.88 -1.12 -23.73
C GLN D 42 5.40 -1.09 -23.59
N VAL D 43 5.93 -2.21 -23.12
CA VAL D 43 7.36 -2.43 -22.93
C VAL D 43 7.64 -3.90 -23.11
N CYS D 44 8.73 -4.21 -23.78
CA CYS D 44 9.07 -5.59 -24.05
C CYS D 44 10.47 -5.71 -24.60
N ASN D 45 11.46 -5.35 -23.79
CA ASN D 45 12.86 -5.41 -24.20
C ASN D 45 13.54 -6.68 -23.66
N VAL D 46 12.90 -7.83 -23.85
CA VAL D 46 13.48 -9.07 -23.35
C VAL D 46 14.82 -9.44 -23.98
N PHE D 47 15.25 -8.64 -24.96
CA PHE D 47 16.51 -8.90 -25.65
C PHE D 47 17.66 -8.14 -25.01
N GLU D 48 17.46 -6.87 -24.70
CA GLU D 48 18.56 -6.13 -24.08
C GLU D 48 18.55 -6.42 -22.58
N SER D 49 19.57 -5.93 -21.87
CA SER D 49 19.69 -6.13 -20.42
C SER D 49 19.66 -4.82 -19.65
N SER D 50 19.84 -4.90 -18.34
CA SER D 50 19.84 -3.72 -17.48
C SER D 50 18.63 -2.83 -17.73
N GLN D 51 17.44 -3.43 -17.62
CA GLN D 51 16.19 -2.71 -17.85
C GLN D 51 15.63 -2.07 -16.60
N ASN D 52 15.07 -0.88 -16.78
CA ASN D 52 14.50 -0.12 -15.68
C ASN D 52 13.80 1.08 -16.35
N ASN D 53 12.73 0.77 -17.06
CA ASN D 53 11.98 1.78 -17.81
C ASN D 53 10.82 2.37 -17.00
N TRP D 54 10.66 3.69 -17.11
CA TRP D 54 9.61 4.40 -16.39
C TRP D 54 8.55 5.11 -17.25
N LEU D 55 7.28 4.90 -16.89
CA LEU D 55 6.17 5.57 -17.55
C LEU D 55 5.56 6.49 -16.49
N ARG D 56 5.50 7.78 -16.78
CA ARG D 56 4.95 8.74 -15.83
C ARG D 56 3.70 9.42 -16.37
N THR D 57 2.66 9.46 -15.54
CA THR D 57 1.37 10.06 -15.87
C THR D 57 1.42 11.57 -15.81
N LYS D 58 0.37 12.20 -16.30
CA LYS D 58 0.25 13.64 -16.23
C LYS D 58 -0.37 13.94 -14.86
N PHE D 59 -0.21 15.16 -14.40
CA PHE D 59 -0.72 15.57 -13.10
C PHE D 59 -2.16 15.13 -12.87
N ILE D 60 -2.45 14.57 -11.70
CA ILE D 60 -3.82 14.17 -11.37
C ILE D 60 -4.27 14.89 -10.09
N ARG D 61 -5.29 15.72 -10.22
CA ARG D 61 -5.82 16.47 -9.09
C ARG D 61 -6.42 15.54 -8.02
N ARG D 62 -6.30 15.97 -6.77
CA ARG D 62 -6.80 15.18 -5.65
C ARG D 62 -8.29 15.35 -5.51
N ARG D 63 -8.78 16.56 -5.80
CA ARG D 63 -10.21 16.87 -5.74
C ARG D 63 -10.86 16.41 -4.43
N GLY D 64 -10.15 16.57 -3.32
CA GLY D 64 -10.71 16.18 -2.04
C GLY D 64 -10.55 14.73 -1.63
N ALA D 65 -9.96 13.91 -2.49
CA ALA D 65 -9.76 12.52 -2.15
C ALA D 65 -8.71 12.46 -1.04
N HIS D 66 -8.65 11.34 -0.35
CA HIS D 66 -7.68 11.16 0.72
C HIS D 66 -6.90 9.88 0.46
N ARG D 67 -7.62 8.84 0.04
CA ARG D 67 -7.04 7.56 -0.27
C ARG D 67 -7.38 7.27 -1.72
N ILE D 68 -6.36 7.34 -2.57
CA ILE D 68 -6.51 7.11 -3.98
C ILE D 68 -6.46 5.63 -4.36
N HIS D 69 -7.31 5.25 -5.31
CA HIS D 69 -7.35 3.88 -5.81
C HIS D 69 -6.85 3.90 -7.27
N VAL D 70 -6.09 2.88 -7.64
CA VAL D 70 -5.57 2.81 -8.99
C VAL D 70 -5.85 1.46 -9.61
N GLU D 71 -6.77 1.42 -10.58
CA GLU D 71 -7.13 0.18 -11.26
C GLU D 71 -6.32 -0.03 -12.54
N MET D 72 -5.68 -1.18 -12.67
CA MET D 72 -4.87 -1.47 -13.87
C MET D 72 -5.35 -2.67 -14.73
N LYS D 73 -5.36 -2.46 -16.05
CA LYS D 73 -5.74 -3.47 -17.05
C LYS D 73 -4.48 -3.72 -17.89
N PHE D 74 -3.91 -4.92 -17.83
CA PHE D 74 -2.70 -5.18 -18.60
C PHE D 74 -2.55 -6.63 -19.07
N SER D 75 -1.73 -6.85 -20.10
CA SER D 75 -1.52 -8.19 -20.62
C SER D 75 -0.03 -8.49 -20.74
N VAL D 76 0.33 -9.73 -20.46
CA VAL D 76 1.73 -10.14 -20.51
C VAL D 76 2.03 -11.18 -21.57
N ARG D 77 3.07 -10.92 -22.35
CA ARG D 77 3.50 -11.85 -23.38
C ARG D 77 4.22 -13.00 -22.72
N ASP D 78 3.72 -14.21 -22.93
CA ASP D 78 4.33 -15.41 -22.38
C ASP D 78 5.61 -15.69 -23.19
N CYS D 79 6.73 -15.13 -22.73
CA CYS D 79 8.04 -15.24 -23.35
C CYS D 79 8.33 -16.43 -24.27
N SER D 80 7.85 -17.60 -23.90
CA SER D 80 8.08 -18.76 -24.76
C SER D 80 7.54 -18.44 -26.16
N SER D 81 6.61 -17.48 -26.21
CA SER D 81 5.97 -17.05 -27.46
C SER D 81 6.85 -16.16 -28.33
N ILE D 82 7.53 -15.21 -27.69
CA ILE D 82 8.41 -14.30 -28.42
C ILE D 82 9.43 -15.10 -29.21
N PRO D 83 9.48 -14.90 -30.53
CA PRO D 83 10.41 -15.57 -31.46
C PRO D 83 11.82 -15.70 -30.94
N SER D 84 12.36 -14.59 -30.44
CA SER D 84 13.72 -14.57 -29.91
C SER D 84 13.66 -14.84 -28.40
N VAL D 85 13.18 -16.04 -28.05
CA VAL D 85 13.07 -16.42 -26.65
C VAL D 85 14.37 -16.25 -25.86
N PRO D 86 14.44 -15.21 -25.03
CA PRO D 86 15.63 -14.92 -24.20
C PRO D 86 15.76 -15.94 -23.07
N GLY D 87 15.20 -15.60 -21.91
CA GLY D 87 15.26 -16.48 -20.75
C GLY D 87 14.75 -15.78 -19.51
N SER D 88 14.77 -14.46 -19.55
CA SER D 88 14.35 -13.63 -18.43
C SER D 88 12.84 -13.40 -18.33
N CYS D 89 12.36 -12.33 -18.97
CA CYS D 89 10.94 -11.95 -18.94
C CYS D 89 10.36 -11.96 -17.53
N LYS D 90 10.43 -10.82 -16.85
CA LYS D 90 9.88 -10.66 -15.50
C LYS D 90 8.39 -10.37 -15.68
N GLU D 91 7.55 -11.14 -15.00
CA GLU D 91 6.11 -10.92 -15.11
C GLU D 91 5.59 -10.06 -13.98
N THR D 92 6.33 -8.98 -13.70
CA THR D 92 5.95 -8.05 -12.65
C THR D 92 6.36 -6.66 -13.03
N PHE D 93 5.71 -5.67 -12.43
CA PHE D 93 6.01 -4.27 -12.68
C PHE D 93 5.62 -3.47 -11.43
N ASN D 94 6.21 -2.29 -11.28
CA ASN D 94 5.95 -1.45 -10.12
C ASN D 94 5.10 -0.22 -10.33
N LEU D 95 4.21 0.02 -9.37
CA LEU D 95 3.35 1.19 -9.37
C LEU D 95 3.84 2.17 -8.31
N TYR D 96 4.17 3.38 -8.76
CA TYR D 96 4.65 4.41 -7.86
C TYR D 96 3.79 5.66 -7.93
N TYR D 97 3.98 6.58 -7.00
CA TYR D 97 3.22 7.82 -7.03
C TYR D 97 4.05 8.97 -6.44
N TYR D 98 3.74 10.18 -6.89
CA TYR D 98 4.44 11.37 -6.43
C TYR D 98 3.44 12.49 -6.22
N GLU D 99 3.50 13.14 -5.06
CA GLU D 99 2.61 14.25 -4.76
C GLU D 99 3.26 15.59 -5.08
N ALA D 100 2.43 16.60 -5.27
CA ALA D 100 2.93 17.94 -5.58
C ALA D 100 1.76 18.90 -5.59
N ASP D 101 2.03 20.16 -5.24
CA ASP D 101 0.99 21.17 -5.20
C ASP D 101 0.77 21.80 -6.57
N PHE D 102 1.70 21.56 -7.48
CA PHE D 102 1.58 22.08 -8.83
C PHE D 102 2.31 21.11 -9.76
N ASP D 103 1.94 21.10 -11.03
CA ASP D 103 2.58 20.20 -11.99
C ASP D 103 4.11 20.17 -11.79
N LEU D 104 4.80 21.24 -12.15
CA LEU D 104 6.25 21.33 -11.94
C LEU D 104 7.13 20.14 -12.30
N ALA D 105 6.54 19.05 -12.78
CA ALA D 105 7.33 17.87 -13.13
C ALA D 105 7.96 18.03 -14.51
N THR D 106 9.27 18.25 -14.53
CA THR D 106 9.98 18.40 -15.79
C THR D 106 10.34 16.99 -16.24
N LYS D 107 11.26 16.87 -17.18
CA LYS D 107 11.65 15.55 -17.64
C LYS D 107 12.87 15.09 -16.86
N THR D 108 13.08 15.71 -15.69
CA THR D 108 14.21 15.35 -14.85
C THR D 108 13.97 15.58 -13.36
N PHE D 109 13.09 16.50 -12.99
CA PHE D 109 12.88 16.73 -11.57
C PHE D 109 12.31 15.57 -10.77
N PRO D 110 11.10 15.12 -11.08
CA PRO D 110 10.63 14.01 -10.26
C PRO D 110 11.57 12.82 -10.52
N ASN D 111 12.75 12.89 -9.91
CA ASN D 111 13.81 11.89 -10.05
C ASN D 111 13.27 10.51 -10.35
N TRP D 112 13.93 9.80 -11.26
CA TRP D 112 13.45 8.49 -11.62
C TRP D 112 13.94 7.37 -10.73
N MET D 113 13.82 7.57 -9.43
CA MET D 113 14.24 6.57 -8.45
C MET D 113 13.09 6.27 -7.50
N GLU D 114 13.22 5.20 -6.74
CA GLU D 114 12.18 4.83 -5.80
C GLU D 114 12.18 5.73 -4.57
N ASN D 115 13.27 6.42 -4.27
CA ASN D 115 13.20 7.25 -3.08
C ASN D 115 12.15 8.36 -3.23
N PRO D 116 12.40 9.35 -4.10
CA PRO D 116 11.38 10.41 -4.23
C PRO D 116 9.99 9.86 -4.53
N TRP D 117 9.92 8.75 -5.28
CA TRP D 117 8.64 8.12 -5.61
C TRP D 117 8.27 7.08 -4.59
N VAL D 118 7.21 7.31 -3.81
CA VAL D 118 6.85 6.31 -2.82
C VAL D 118 6.08 5.15 -3.47
N LYS D 119 6.62 3.94 -3.30
CA LYS D 119 6.02 2.76 -3.90
C LYS D 119 4.61 2.39 -3.40
N VAL D 120 3.77 1.97 -4.34
CA VAL D 120 2.41 1.57 -4.00
C VAL D 120 2.50 0.09 -3.73
N ASP D 121 2.89 -0.67 -4.75
CA ASP D 121 3.01 -2.12 -4.64
C ASP D 121 3.63 -2.65 -5.93
N THR D 122 4.11 -3.90 -5.90
CA THR D 122 4.66 -4.52 -7.10
C THR D 122 3.55 -5.39 -7.63
N ILE D 123 3.06 -5.05 -8.82
CA ILE D 123 1.95 -5.80 -9.44
C ILE D 123 2.47 -6.95 -10.29
N ALA D 124 1.84 -8.11 -10.11
CA ALA D 124 2.19 -9.30 -10.86
C ALA D 124 1.07 -9.72 -11.80
N ALA D 125 1.42 -10.49 -12.82
CA ALA D 125 0.43 -10.96 -13.79
C ALA D 125 -0.10 -12.32 -13.41
N ASP D 126 -1.41 -12.50 -13.48
CA ASP D 126 -2.00 -13.79 -13.16
C ASP D 126 -1.88 -14.67 -14.43
N GLU D 127 -2.14 -14.07 -15.60
CA GLU D 127 -2.04 -14.76 -16.89
C GLU D 127 -1.18 -14.05 -17.90
N SER D 128 -0.62 -14.85 -18.81
CA SER D 128 0.21 -14.37 -19.90
C SER D 128 -0.44 -15.03 -21.11
N PHE D 129 -0.09 -14.60 -22.31
CA PHE D 129 -0.71 -15.16 -23.51
C PHE D 129 0.31 -15.45 -24.59
N SER D 130 -0.10 -16.22 -25.61
CA SER D 130 0.78 -16.53 -26.71
C SER D 130 0.20 -16.03 -28.02
N GLN D 131 -1.11 -16.22 -28.20
CA GLN D 131 -1.77 -15.77 -29.42
C GLN D 131 -2.68 -14.55 -29.22
N VAL D 132 -2.32 -13.44 -29.83
CA VAL D 132 -3.11 -12.22 -29.76
C VAL D 132 -4.48 -12.56 -30.34
N ASP D 133 -5.50 -12.59 -29.51
CA ASP D 133 -6.83 -12.91 -29.99
C ASP D 133 -7.85 -11.83 -29.67
N LEU D 134 -8.01 -10.88 -30.58
CA LEU D 134 -8.95 -9.77 -30.39
C LEU D 134 -10.34 -10.23 -29.95
N GLY D 135 -10.93 -9.49 -29.02
CA GLY D 135 -12.25 -9.85 -28.52
C GLY D 135 -12.29 -11.15 -27.74
N GLY D 136 -11.30 -12.01 -27.95
CA GLY D 136 -11.27 -13.29 -27.25
C GLY D 136 -10.46 -13.29 -25.96
N ARG D 137 -10.14 -14.49 -25.47
CA ARG D 137 -9.35 -14.64 -24.25
C ARG D 137 -9.57 -13.48 -23.27
N VAL D 138 -10.82 -13.21 -22.93
CA VAL D 138 -11.12 -12.12 -22.01
C VAL D 138 -10.39 -12.36 -20.68
N MET D 139 -10.27 -13.63 -20.31
CA MET D 139 -9.63 -13.99 -19.05
C MET D 139 -8.11 -13.85 -19.06
N LYS D 140 -7.53 -13.45 -20.19
CA LYS D 140 -6.08 -13.33 -20.26
C LYS D 140 -5.59 -11.90 -19.98
N ILE D 141 -6.53 -10.97 -19.84
CA ILE D 141 -6.15 -9.60 -19.53
C ILE D 141 -6.24 -9.41 -18.01
N ASN D 142 -5.11 -9.12 -17.38
CA ASN D 142 -5.08 -8.94 -15.93
C ASN D 142 -5.64 -7.61 -15.46
N THR D 143 -6.30 -7.64 -14.31
CA THR D 143 -6.86 -6.44 -13.71
C THR D 143 -6.53 -6.53 -12.24
N GLU D 144 -5.75 -5.57 -11.77
CA GLU D 144 -5.32 -5.52 -10.38
C GLU D 144 -5.57 -4.13 -9.83
N VAL D 145 -6.04 -4.04 -8.59
CA VAL D 145 -6.32 -2.75 -7.95
C VAL D 145 -5.60 -2.56 -6.62
N ARG D 146 -4.89 -1.44 -6.51
CA ARG D 146 -4.17 -1.12 -5.28
C ARG D 146 -4.55 0.31 -4.84
N SER D 147 -4.16 0.69 -3.64
CA SER D 147 -4.47 2.03 -3.13
C SER D 147 -3.31 2.50 -2.26
N PHE D 148 -3.11 3.80 -2.18
CA PHE D 148 -2.02 4.32 -1.37
C PHE D 148 -2.46 5.33 -0.34
N GLY D 149 -1.74 5.33 0.78
CA GLY D 149 -1.98 6.19 1.93
C GLY D 149 -2.65 7.53 1.70
N PRO D 150 -2.96 8.28 2.77
CA PRO D 150 -3.62 9.57 2.60
C PRO D 150 -2.77 10.53 1.77
N VAL D 151 -3.40 11.13 0.75
CA VAL D 151 -2.74 12.10 -0.12
C VAL D 151 -3.21 13.43 0.42
N SER D 152 -2.33 14.43 0.41
CA SER D 152 -2.69 15.73 0.97
C SER D 152 -2.49 16.95 0.07
N ARG D 153 -1.54 16.88 -0.84
CA ARG D 153 -1.28 18.02 -1.71
C ARG D 153 -2.35 18.14 -2.80
N ASN D 154 -2.26 19.18 -3.61
CA ASN D 154 -3.24 19.41 -4.66
C ASN D 154 -3.39 18.28 -5.66
N GLY D 155 -2.31 17.54 -5.88
CA GLY D 155 -2.38 16.45 -6.83
C GLY D 155 -1.32 15.41 -6.64
N PHE D 156 -1.13 14.59 -7.67
CA PHE D 156 -0.13 13.54 -7.64
C PHE D 156 0.04 12.93 -9.02
N TYR D 157 1.14 12.20 -9.19
CA TYR D 157 1.42 11.51 -10.44
C TYR D 157 1.53 10.03 -10.12
N LEU D 158 1.47 9.20 -11.15
CA LEU D 158 1.64 7.77 -10.97
C LEU D 158 2.78 7.48 -11.92
N ALA D 159 3.49 6.40 -11.69
CA ALA D 159 4.60 6.01 -12.54
C ALA D 159 4.64 4.48 -12.57
N PHE D 160 4.74 3.90 -13.75
CA PHE D 160 4.79 2.46 -13.81
C PHE D 160 6.19 2.07 -14.26
N GLN D 161 6.87 1.28 -13.44
CA GLN D 161 8.25 0.86 -13.67
C GLN D 161 8.46 -0.59 -14.13
N ASP D 162 9.07 -0.75 -15.29
CA ASP D 162 9.37 -2.06 -15.84
C ASP D 162 10.85 -2.33 -15.70
N TYR D 163 11.18 -3.61 -15.53
CA TYR D 163 12.57 -4.04 -15.39
C TYR D 163 12.77 -5.37 -16.09
N GLY D 164 12.66 -5.36 -17.41
CA GLY D 164 12.83 -6.57 -18.19
C GLY D 164 11.57 -7.40 -18.26
N GLY D 165 10.62 -6.95 -19.06
CA GLY D 165 9.38 -7.67 -19.18
C GLY D 165 8.67 -7.33 -20.47
N CYS D 166 7.65 -8.10 -20.81
CA CYS D 166 6.91 -7.88 -22.04
C CYS D 166 5.43 -7.71 -21.68
N MET D 167 5.00 -6.47 -21.45
CA MET D 167 3.61 -6.22 -21.07
C MET D 167 2.99 -5.07 -21.83
N SER D 168 1.72 -4.80 -21.54
CA SER D 168 1.00 -3.73 -22.19
C SER D 168 0.01 -3.14 -21.21
N LEU D 169 0.19 -1.87 -20.88
CA LEU D 169 -0.73 -1.21 -19.96
C LEU D 169 -1.92 -0.88 -20.89
N ILE D 170 -3.02 -1.61 -20.75
CA ILE D 170 -4.19 -1.41 -21.60
C ILE D 170 -5.11 -0.33 -21.06
N ALA D 171 -5.20 -0.25 -19.74
CA ALA D 171 -6.04 0.74 -19.12
C ALA D 171 -5.62 1.01 -17.68
N VAL D 172 -5.71 2.27 -17.30
CA VAL D 172 -5.40 2.69 -15.95
C VAL D 172 -6.62 3.52 -15.55
N ARG D 173 -6.95 3.54 -14.27
CA ARG D 173 -8.08 4.33 -13.84
C ARG D 173 -7.90 4.72 -12.38
N VAL D 174 -7.83 6.02 -12.14
CA VAL D 174 -7.62 6.56 -10.81
C VAL D 174 -8.93 7.09 -10.25
N PHE D 175 -9.24 6.73 -9.01
CA PHE D 175 -10.49 7.17 -8.41
C PHE D 175 -10.46 7.04 -6.91
N TYR D 176 -11.56 7.43 -6.28
CA TYR D 176 -11.69 7.35 -4.84
C TYR D 176 -13.13 7.11 -4.43
N ARG D 177 -13.33 6.77 -3.16
CA ARG D 177 -14.65 6.55 -2.61
C ARG D 177 -15.14 7.89 -2.08
N LYS D 178 -16.31 8.32 -2.55
CA LYS D 178 -16.85 9.60 -2.13
C LYS D 178 -16.92 9.71 -0.61
N CYS D 179 -17.54 8.72 0.02
CA CYS D 179 -17.69 8.70 1.47
C CYS D 179 -17.25 7.36 2.03
N PRO D 180 -16.61 7.36 3.21
CA PRO D 180 -16.14 6.14 3.84
C PRO D 180 -17.26 5.15 4.10
N ARG D 181 -16.88 3.95 4.54
CA ARG D 181 -17.82 2.87 4.82
C ARG D 181 -18.49 3.09 6.19
N ILE E 1 20.99 22.40 -18.56
CA ILE E 1 20.08 21.87 -17.49
C ILE E 1 18.85 22.77 -17.30
N VAL E 2 17.69 22.12 -17.10
CA VAL E 2 16.42 22.81 -16.96
C VAL E 2 16.09 23.47 -15.61
N LEU E 3 16.26 22.75 -14.50
CA LEU E 3 15.97 23.29 -13.17
C LEU E 3 14.46 23.35 -12.92
N GLU E 4 13.99 22.60 -11.93
CA GLU E 4 12.57 22.56 -11.59
C GLU E 4 11.95 23.96 -11.56
N PRO E 5 10.73 24.10 -12.11
CA PRO E 5 10.01 25.37 -12.16
C PRO E 5 9.60 25.86 -10.78
N ILE E 6 9.76 27.15 -10.54
CA ILE E 6 9.38 27.72 -9.26
C ILE E 6 7.94 28.23 -9.33
N TYR E 7 6.99 27.43 -8.85
CA TYR E 7 5.61 27.86 -8.87
C TYR E 7 5.31 28.93 -7.84
N TRP E 8 5.41 30.18 -8.29
CA TRP E 8 5.17 31.35 -7.47
C TRP E 8 3.71 31.42 -7.05
N ASN E 9 3.40 30.74 -5.96
CA ASN E 9 2.04 30.69 -5.42
C ASN E 9 2.15 30.55 -3.89
N SER E 10 1.18 31.13 -3.18
CA SER E 10 1.19 31.11 -1.72
C SER E 10 1.46 29.75 -1.08
N SER E 11 0.98 28.69 -1.70
CA SER E 11 1.18 27.35 -1.16
C SER E 11 2.32 26.61 -1.83
N ASN E 12 3.36 27.34 -2.20
CA ASN E 12 4.54 26.78 -2.87
C ASN E 12 5.52 26.16 -1.87
N SER E 13 5.15 26.22 -0.59
CA SER E 13 5.94 25.66 0.52
C SER E 13 7.48 25.61 0.44
N LYS E 14 8.09 26.15 -0.62
CA LYS E 14 9.54 26.15 -0.69
C LYS E 14 9.99 27.52 -0.22
N PHE E 15 9.03 28.43 -0.11
CA PHE E 15 9.31 29.77 0.38
C PHE E 15 9.32 29.61 1.89
N LEU E 16 10.46 29.15 2.38
CA LEU E 16 10.67 28.92 3.81
C LEU E 16 10.42 30.20 4.62
N PRO E 17 9.56 30.11 5.66
CA PRO E 17 9.23 31.25 6.51
C PRO E 17 10.46 31.93 7.11
N GLY E 18 10.57 33.23 6.87
CA GLY E 18 11.68 34.00 7.40
C GLY E 18 12.88 34.04 6.47
N GLY E 19 12.95 33.09 5.53
CA GLY E 19 14.08 33.07 4.63
C GLY E 19 13.74 33.31 3.16
N GLY E 20 12.76 32.57 2.67
CA GLY E 20 12.40 32.70 1.27
C GLY E 20 12.93 31.49 0.55
N LEU E 21 13.49 31.70 -0.65
CA LEU E 21 14.02 30.60 -1.43
C LEU E 21 15.40 30.92 -1.99
N VAL E 22 16.26 29.91 -2.04
CA VAL E 22 17.63 30.04 -2.53
C VAL E 22 17.84 29.00 -3.64
N LEU E 23 18.67 29.32 -4.65
CA LEU E 23 18.86 28.40 -5.77
C LEU E 23 20.26 27.96 -6.21
N TYR E 24 21.18 28.92 -6.38
CA TYR E 24 22.54 28.61 -6.84
C TYR E 24 22.53 28.16 -8.32
N PRO E 25 21.89 28.94 -9.21
CA PRO E 25 21.84 28.61 -10.64
C PRO E 25 23.18 28.88 -11.32
N GLN E 26 23.48 28.08 -12.33
CA GLN E 26 24.72 28.23 -13.06
C GLN E 26 24.52 28.75 -14.48
N ILE E 27 25.57 29.36 -15.02
CA ILE E 27 25.49 29.87 -16.39
C ILE E 27 25.20 28.68 -17.29
N GLY E 28 24.18 28.81 -18.13
CA GLY E 28 23.85 27.73 -19.03
C GLY E 28 22.51 27.08 -18.77
N ASP E 29 21.93 27.29 -17.60
CA ASP E 29 20.63 26.69 -17.37
C ASP E 29 19.46 27.66 -17.44
N LYS E 30 18.27 27.07 -17.56
CA LYS E 30 17.05 27.84 -17.68
C LYS E 30 16.23 27.68 -16.41
N LEU E 31 15.22 28.53 -16.26
CA LEU E 31 14.36 28.46 -15.09
C LEU E 31 13.05 29.18 -15.33
N ASP E 32 11.96 28.47 -15.07
CA ASP E 32 10.64 29.03 -15.24
C ASP E 32 10.03 29.43 -13.91
N ILE E 33 9.63 30.68 -13.80
CA ILE E 33 8.97 31.15 -12.60
C ILE E 33 7.54 31.33 -13.10
N ILE E 34 6.68 30.41 -12.67
CA ILE E 34 5.30 30.36 -13.12
C ILE E 34 4.21 30.74 -12.12
N CYS E 35 3.17 31.38 -12.63
CA CYS E 35 2.02 31.78 -11.83
C CYS E 35 0.85 30.94 -12.28
N PRO E 36 0.37 30.06 -11.40
CA PRO E 36 -0.74 29.16 -11.68
C PRO E 36 -2.04 29.87 -11.98
N LYS E 37 -2.80 29.29 -12.89
CA LYS E 37 -4.09 29.82 -13.28
C LYS E 37 -5.08 29.11 -12.37
N VAL E 38 -6.24 29.70 -12.16
CA VAL E 38 -7.24 29.08 -11.31
C VAL E 38 -7.92 28.01 -12.16
N ASP E 39 -8.00 26.79 -11.64
CA ASP E 39 -8.64 25.72 -12.39
C ASP E 39 -10.15 25.84 -12.22
N SER E 40 -10.89 25.26 -13.17
CA SER E 40 -12.35 25.28 -13.13
C SER E 40 -12.77 25.11 -11.67
N LYS E 41 -12.07 24.19 -11.02
CA LYS E 41 -12.29 23.87 -9.62
C LYS E 41 -10.92 23.59 -8.97
N THR E 42 -10.95 23.12 -7.73
CA THR E 42 -9.72 22.80 -6.98
C THR E 42 -8.88 24.03 -6.64
N VAL E 43 -8.98 25.06 -7.47
CA VAL E 43 -8.20 26.28 -7.23
C VAL E 43 -9.04 27.39 -6.59
N GLY E 44 -8.87 27.55 -5.27
CA GLY E 44 -9.60 28.55 -4.53
C GLY E 44 -9.10 29.96 -4.82
N GLN E 45 -9.74 30.61 -5.79
CA GLN E 45 -9.40 31.97 -6.19
C GLN E 45 -7.96 32.21 -6.61
N TYR E 46 -7.80 32.79 -7.79
CA TYR E 46 -6.50 33.12 -8.35
C TYR E 46 -5.76 34.00 -7.36
N GLU E 47 -4.45 34.09 -7.53
CA GLU E 47 -3.63 34.93 -6.66
C GLU E 47 -2.87 35.87 -7.56
N TYR E 48 -3.21 37.15 -7.49
CA TYR E 48 -2.56 38.17 -8.30
C TYR E 48 -1.25 38.62 -7.70
N TYR E 49 -0.22 38.68 -8.54
CA TYR E 49 1.10 39.11 -8.12
C TYR E 49 1.81 39.83 -9.23
N LYS E 50 2.70 40.73 -8.85
CA LYS E 50 3.52 41.46 -9.80
C LYS E 50 4.93 41.18 -9.28
N VAL E 51 5.59 40.24 -9.94
CA VAL E 51 6.92 39.81 -9.54
C VAL E 51 7.95 40.70 -10.20
N TYR E 52 8.90 41.19 -9.40
CA TYR E 52 10.00 42.04 -9.88
C TYR E 52 11.35 41.47 -9.49
N MET E 53 12.38 41.90 -10.21
CA MET E 53 13.72 41.49 -9.87
C MET E 53 14.33 42.79 -9.38
N VAL E 54 14.95 42.74 -8.20
CA VAL E 54 15.53 43.92 -7.57
C VAL E 54 16.90 43.60 -6.99
N ASP E 55 17.47 44.58 -6.27
CA ASP E 55 18.75 44.39 -5.62
C ASP E 55 18.58 43.92 -4.17
N LYS E 56 19.68 43.49 -3.56
CA LYS E 56 19.65 43.00 -2.18
C LYS E 56 18.92 43.97 -1.25
N ASP E 57 19.29 45.25 -1.32
CA ASP E 57 18.67 46.27 -0.49
C ASP E 57 17.14 46.30 -0.59
N GLN E 58 16.65 46.45 -1.82
CA GLN E 58 15.21 46.51 -2.07
C GLN E 58 14.52 45.20 -1.70
N ALA E 59 15.27 44.12 -1.69
CA ALA E 59 14.71 42.81 -1.39
C ALA E 59 14.50 42.54 0.09
N ASP E 60 15.36 43.12 0.93
CA ASP E 60 15.25 42.90 2.37
C ASP E 60 14.40 43.97 3.04
N ARG E 61 14.15 45.04 2.30
CA ARG E 61 13.33 46.14 2.78
C ARG E 61 11.96 45.95 2.12
N CYS E 62 11.82 44.85 1.39
CA CYS E 62 10.59 44.51 0.66
C CYS E 62 9.94 45.71 0.00
N THR E 63 10.71 46.39 -0.85
CA THR E 63 10.23 47.57 -1.57
C THR E 63 10.67 47.49 -3.04
N ILE E 64 9.75 47.77 -3.95
CA ILE E 64 10.06 47.73 -5.36
C ILE E 64 10.21 49.12 -5.94
N LYS E 65 10.02 50.13 -5.10
CA LYS E 65 10.13 51.53 -5.51
C LYS E 65 11.49 51.87 -6.15
N LYS E 66 11.58 53.08 -6.71
CA LYS E 66 12.79 53.58 -7.35
C LYS E 66 13.07 52.90 -8.70
N GLU E 67 13.71 51.75 -8.64
CA GLU E 67 14.05 51.02 -9.84
C GLU E 67 13.76 49.57 -9.58
N ASN E 68 13.55 48.81 -10.65
CA ASN E 68 13.23 47.40 -10.56
C ASN E 68 13.22 46.84 -11.96
N THR E 69 13.20 45.52 -12.08
CA THR E 69 13.14 44.86 -13.38
C THR E 69 11.94 43.92 -13.38
N PRO E 70 10.88 44.29 -14.10
CA PRO E 70 9.67 43.47 -14.17
C PRO E 70 9.92 42.07 -14.72
N LEU E 71 9.16 41.10 -14.26
CA LEU E 71 9.29 39.74 -14.73
C LEU E 71 7.93 39.10 -14.97
N LEU E 72 7.01 39.30 -14.03
CA LEU E 72 5.69 38.71 -14.12
C LEU E 72 4.53 39.63 -13.76
N ASN E 73 3.48 39.60 -14.56
CA ASN E 73 2.29 40.40 -14.32
C ASN E 73 1.17 39.40 -14.14
N CYS E 74 1.25 38.63 -13.06
CA CYS E 74 0.26 37.59 -12.80
C CYS E 74 -1.13 38.11 -12.49
N ALA E 75 -1.85 38.46 -13.55
CA ALA E 75 -3.21 38.98 -13.44
C ALA E 75 -4.12 38.33 -14.47
N ARG E 76 -3.81 37.08 -14.84
CA ARG E 76 -4.60 36.34 -15.83
C ARG E 76 -5.10 35.04 -15.27
N PRO E 77 -6.22 35.10 -14.54
CA PRO E 77 -6.83 33.93 -13.92
C PRO E 77 -7.04 32.70 -14.80
N ASP E 78 -7.11 32.86 -16.12
CA ASP E 78 -7.30 31.70 -17.00
C ASP E 78 -6.02 31.14 -17.61
N GLN E 79 -4.91 31.87 -17.48
CA GLN E 79 -3.65 31.44 -18.08
C GLN E 79 -2.48 31.35 -17.12
N ASP E 80 -1.58 30.42 -17.42
CA ASP E 80 -0.35 30.25 -16.67
C ASP E 80 0.56 31.36 -17.20
N VAL E 81 1.05 32.23 -16.31
CA VAL E 81 1.95 33.30 -16.73
C VAL E 81 3.31 32.95 -16.19
N LYS E 82 4.34 33.02 -17.03
CA LYS E 82 5.69 32.68 -16.58
C LYS E 82 6.79 33.54 -17.16
N PHE E 83 8.02 33.26 -16.75
CA PHE E 83 9.17 34.00 -17.27
C PHE E 83 10.28 32.99 -17.38
N THR E 84 10.77 32.75 -18.59
CA THR E 84 11.86 31.80 -18.73
C THR E 84 13.17 32.55 -18.58
N ILE E 85 13.88 32.22 -17.52
CA ILE E 85 15.18 32.83 -17.26
C ILE E 85 16.26 32.02 -17.97
N LYS E 86 17.29 32.70 -18.45
CA LYS E 86 18.43 32.06 -19.09
C LYS E 86 19.66 32.69 -18.46
N PHE E 87 20.23 32.01 -17.47
CA PHE E 87 21.42 32.56 -16.83
C PHE E 87 22.64 32.55 -17.76
N GLN E 88 22.64 33.48 -18.70
CA GLN E 88 23.69 33.66 -19.68
C GLN E 88 24.53 34.89 -19.31
N GLU E 89 25.81 34.89 -19.67
CA GLU E 89 26.65 36.03 -19.34
C GLU E 89 26.51 37.14 -20.37
N PHE E 90 26.03 36.80 -21.56
CA PHE E 90 25.83 37.79 -22.63
C PHE E 90 24.63 37.55 -23.54
N SER E 91 23.62 38.42 -23.39
CA SER E 91 22.37 38.32 -24.16
C SER E 91 22.42 38.69 -25.63
N PRO E 92 22.10 37.73 -26.51
CA PRO E 92 22.10 37.99 -27.94
C PRO E 92 20.89 38.87 -28.24
N ASN E 93 20.13 39.16 -27.19
CA ASN E 93 18.92 39.96 -27.27
C ASN E 93 18.99 41.32 -26.58
N LEU E 94 18.77 42.40 -27.33
CA LEU E 94 18.72 43.73 -26.72
C LEU E 94 17.44 43.60 -25.90
N TRP E 95 17.33 44.26 -24.76
CA TRP E 95 16.13 44.08 -23.95
C TRP E 95 16.03 42.63 -23.45
N GLY E 96 17.16 42.05 -23.07
CA GLY E 96 17.19 40.71 -22.55
C GLY E 96 17.98 40.76 -21.26
N LEU E 97 17.83 39.76 -20.38
CA LEU E 97 18.55 39.75 -19.11
C LEU E 97 19.95 39.12 -19.17
N GLU E 98 20.88 39.65 -18.38
CA GLU E 98 22.26 39.14 -18.33
C GLU E 98 22.67 38.87 -16.90
N PHE E 99 23.35 37.75 -16.67
CA PHE E 99 23.80 37.41 -15.33
C PHE E 99 25.31 37.30 -15.28
N GLN E 100 25.89 37.82 -14.20
CA GLN E 100 27.34 37.78 -14.03
C GLN E 100 27.70 36.65 -13.08
N LYS E 101 28.62 35.77 -13.48
CA LYS E 101 28.99 34.66 -12.60
C LYS E 101 29.53 35.15 -11.26
N ASN E 102 29.01 34.58 -10.17
CA ASN E 102 29.42 34.92 -8.81
C ASN E 102 28.68 36.09 -8.17
N LYS E 103 27.57 36.50 -8.78
CA LYS E 103 26.77 37.62 -8.26
C LYS E 103 25.45 37.08 -7.71
N ASP E 104 24.75 37.88 -6.89
CA ASP E 104 23.46 37.47 -6.34
C ASP E 104 22.31 38.19 -7.02
N TYR E 105 21.15 37.54 -7.08
CA TYR E 105 19.98 38.15 -7.68
C TYR E 105 18.76 37.85 -6.81
N TYR E 106 17.88 38.84 -6.69
CA TYR E 106 16.71 38.71 -5.84
C TYR E 106 15.41 39.06 -6.56
N ILE E 107 14.46 38.13 -6.56
CA ILE E 107 13.17 38.36 -7.19
C ILE E 107 12.14 38.57 -6.09
N ILE E 108 11.31 39.59 -6.26
CA ILE E 108 10.30 39.94 -5.26
C ILE E 108 8.93 40.28 -5.82
N SER E 109 7.94 40.19 -4.94
CA SER E 109 6.56 40.55 -5.25
C SER E 109 6.07 41.22 -3.99
N THR E 110 5.63 42.46 -4.13
CA THR E 110 5.10 43.19 -3.02
C THR E 110 3.60 43.26 -3.20
N SER E 111 3.08 42.32 -3.98
CA SER E 111 1.66 42.25 -4.22
C SER E 111 1.10 41.58 -2.95
N ASN E 112 -0.22 41.52 -2.80
CA ASN E 112 -0.77 40.92 -1.58
C ASN E 112 -1.71 39.77 -1.88
N GLY E 113 -1.67 39.28 -3.12
CA GLY E 113 -2.51 38.17 -3.53
C GLY E 113 -3.89 38.56 -4.06
N SER E 114 -4.20 39.85 -4.01
CA SER E 114 -5.49 40.31 -4.49
C SER E 114 -5.32 41.28 -5.65
N LEU E 115 -6.33 41.41 -6.49
CA LEU E 115 -6.23 42.31 -7.62
C LEU E 115 -6.10 43.73 -7.10
N GLU E 116 -6.90 44.06 -6.09
CA GLU E 116 -6.86 45.39 -5.51
C GLU E 116 -5.45 45.79 -5.04
N GLY E 117 -4.66 44.83 -4.59
CA GLY E 117 -3.31 45.14 -4.13
C GLY E 117 -2.17 44.73 -5.06
N LEU E 118 -2.52 44.42 -6.30
CA LEU E 118 -1.56 44.00 -7.31
C LEU E 118 -0.36 44.95 -7.49
N ASP E 119 -0.61 46.24 -7.31
CA ASP E 119 0.44 47.22 -7.50
C ASP E 119 1.03 47.87 -6.25
N ASN E 120 0.97 47.18 -5.11
CA ASN E 120 1.55 47.77 -3.91
C ASN E 120 3.06 47.75 -4.15
N GLN E 121 3.78 48.55 -3.38
CA GLN E 121 5.24 48.61 -3.52
C GLN E 121 5.93 48.33 -2.19
N GLU E 122 5.12 48.19 -1.14
CA GLU E 122 5.63 47.94 0.21
C GLU E 122 5.16 46.63 0.83
N GLY E 123 6.11 45.78 1.23
CA GLY E 123 5.78 44.50 1.85
C GLY E 123 4.56 43.72 1.38
N GLY E 124 4.13 42.76 2.21
CA GLY E 124 2.99 41.93 1.87
C GLY E 124 3.45 40.81 0.98
N VAL E 125 3.29 39.57 1.41
CA VAL E 125 3.74 38.42 0.63
C VAL E 125 5.27 38.37 0.69
N CYS E 126 5.93 39.45 0.27
CA CYS E 126 7.39 39.51 0.36
C CYS E 126 7.64 39.59 1.85
N GLN E 127 7.05 40.61 2.46
CA GLN E 127 7.16 40.82 3.89
C GLN E 127 6.40 39.69 4.56
N THR E 128 5.14 39.52 4.17
CA THR E 128 4.28 38.48 4.73
C THR E 128 4.80 37.07 4.45
N ARG E 129 4.11 36.31 3.60
CA ARG E 129 4.49 34.93 3.30
C ARG E 129 5.93 34.62 2.86
N ALA E 130 6.83 35.59 3.08
CA ALA E 130 8.26 35.47 2.75
C ALA E 130 8.59 34.96 1.36
N MET E 131 7.87 35.47 0.35
CA MET E 131 8.07 35.06 -1.03
C MET E 131 9.16 35.86 -1.73
N LYS E 132 10.40 35.41 -1.53
CA LYS E 132 11.57 36.06 -2.10
C LYS E 132 12.42 34.95 -2.71
N ILE E 133 13.21 35.29 -3.71
CA ILE E 133 14.07 34.31 -4.33
C ILE E 133 15.45 34.90 -4.33
N LEU E 134 16.43 34.10 -3.96
CA LEU E 134 17.82 34.52 -3.95
C LEU E 134 18.55 33.53 -4.85
N MET E 135 19.06 34.04 -5.97
CA MET E 135 19.79 33.18 -6.91
C MET E 135 21.30 33.38 -6.85
N LYS E 136 22.02 32.35 -6.43
CA LYS E 136 23.47 32.44 -6.34
C LYS E 136 24.08 31.90 -7.62
N VAL E 137 24.48 32.81 -8.50
CA VAL E 137 25.06 32.42 -9.78
C VAL E 137 26.55 32.16 -9.65
N GLY E 138 27.01 31.02 -10.16
CA GLY E 138 28.42 30.70 -10.10
C GLY E 138 28.76 29.83 -8.91
N ILE F 1 -10.93 -2.53 34.27
CA ILE F 1 -10.14 -2.41 33.01
C ILE F 1 -8.76 -3.08 33.15
N VAL F 2 -8.30 -3.69 32.06
CA VAL F 2 -7.03 -4.40 32.03
C VAL F 2 -5.79 -3.53 31.85
N LEU F 3 -5.87 -2.53 30.98
CA LEU F 3 -4.76 -1.60 30.72
C LEU F 3 -3.55 -2.11 29.94
N GLU F 4 -3.22 -1.40 28.87
CA GLU F 4 -2.08 -1.71 28.03
C GLU F 4 -0.88 -2.00 28.92
N PRO F 5 -0.15 -3.10 28.66
CA PRO F 5 1.01 -3.45 29.45
C PRO F 5 2.08 -2.38 29.31
N ILE F 6 3.18 -2.55 30.04
CA ILE F 6 4.25 -1.59 29.97
C ILE F 6 5.59 -2.30 29.89
N TYR F 7 6.10 -2.49 28.67
CA TYR F 7 7.39 -3.13 28.53
C TYR F 7 8.53 -2.26 29.05
N TRP F 8 9.05 -2.64 30.20
CA TRP F 8 10.14 -1.93 30.81
C TRP F 8 11.35 -2.25 29.98
N ASN F 9 11.53 -1.51 28.89
CA ASN F 9 12.65 -1.73 28.00
C ASN F 9 13.05 -0.42 27.34
N SER F 10 14.33 -0.23 27.11
CA SER F 10 14.82 1.02 26.55
C SER F 10 14.18 1.45 25.24
N SER F 11 13.46 0.56 24.60
CA SER F 11 12.85 0.89 23.31
C SER F 11 11.37 1.15 23.40
N ASN F 12 10.92 1.70 24.52
CA ASN F 12 9.50 1.97 24.72
C ASN F 12 9.27 3.46 24.67
N SER F 13 8.87 3.95 23.49
CA SER F 13 8.60 5.36 23.28
C SER F 13 7.71 6.01 24.34
N LYS F 14 6.88 5.21 25.01
CA LYS F 14 5.96 5.73 26.00
C LYS F 14 6.65 6.43 27.17
N PHE F 15 7.94 6.18 27.33
CA PHE F 15 8.68 6.86 28.39
C PHE F 15 9.12 8.14 27.74
N LEU F 16 8.25 9.14 27.82
CA LEU F 16 8.52 10.45 27.23
C LEU F 16 9.77 11.14 27.79
N PRO F 17 10.64 11.65 26.90
CA PRO F 17 11.83 12.33 27.39
C PRO F 17 11.37 13.45 28.30
N GLY F 18 11.96 13.53 29.48
CA GLY F 18 11.60 14.56 30.43
C GLY F 18 10.54 14.19 31.46
N GLY F 19 9.39 13.70 31.01
CA GLY F 19 8.33 13.34 31.94
C GLY F 19 8.19 11.87 32.27
N GLY F 20 8.77 10.99 31.48
CA GLY F 20 8.64 9.58 31.75
C GLY F 20 7.28 9.11 31.27
N LEU F 21 6.61 8.26 32.06
CA LEU F 21 5.29 7.73 31.71
C LEU F 21 4.25 8.05 32.78
N VAL F 22 3.17 8.73 32.39
CA VAL F 22 2.09 9.06 33.33
C VAL F 22 0.86 8.27 32.90
N LEU F 23 0.27 7.52 33.83
CA LEU F 23 -0.85 6.66 33.49
C LEU F 23 -2.24 7.02 33.99
N TYR F 24 -2.33 7.64 35.16
CA TYR F 24 -3.65 7.97 35.72
C TYR F 24 -4.48 6.68 35.77
N PRO F 25 -4.08 5.71 36.60
CA PRO F 25 -4.84 4.45 36.70
C PRO F 25 -6.08 4.68 37.56
N GLN F 26 -6.99 3.71 37.56
CA GLN F 26 -8.21 3.79 38.35
C GLN F 26 -8.46 2.54 39.16
N ILE F 27 -9.13 2.71 40.29
CA ILE F 27 -9.42 1.60 41.18
C ILE F 27 -10.09 0.42 40.48
N GLY F 28 -9.46 -0.74 40.57
CA GLY F 28 -9.99 -1.94 39.95
C GLY F 28 -9.17 -2.44 38.79
N ASP F 29 -8.42 -1.53 38.17
CA ASP F 29 -7.59 -1.86 37.03
C ASP F 29 -6.37 -2.73 37.36
N LYS F 30 -6.00 -3.56 36.39
CA LYS F 30 -4.84 -4.43 36.50
C LYS F 30 -3.82 -3.70 35.61
N LEU F 31 -2.54 -4.06 35.71
CA LEU F 31 -1.52 -3.42 34.89
C LEU F 31 -0.30 -4.30 35.01
N ASP F 32 0.37 -4.57 33.90
CA ASP F 32 1.55 -5.40 33.95
C ASP F 32 2.79 -4.65 33.51
N ILE F 33 3.83 -4.76 34.32
CA ILE F 33 5.10 -4.15 33.99
C ILE F 33 5.85 -5.37 33.52
N ILE F 34 6.42 -5.31 32.33
CA ILE F 34 7.12 -6.47 31.80
C ILE F 34 8.54 -6.21 31.31
N CYS F 35 9.41 -7.17 31.56
CA CYS F 35 10.78 -7.15 31.10
C CYS F 35 10.87 -8.33 30.16
N PRO F 36 10.89 -8.06 28.85
CA PRO F 36 10.97 -9.07 27.79
C PRO F 36 12.27 -9.86 27.77
N LYS F 37 12.18 -11.11 27.33
CA LYS F 37 13.34 -11.97 27.24
C LYS F 37 14.14 -11.61 25.99
N VAL F 38 15.39 -12.08 25.95
CA VAL F 38 16.27 -11.81 24.81
C VAL F 38 15.58 -12.22 23.53
N ASP F 39 15.60 -11.32 22.55
CA ASP F 39 14.99 -11.54 21.25
C ASP F 39 16.11 -11.75 20.22
N SER F 40 16.11 -12.92 19.56
CA SER F 40 17.13 -13.22 18.56
C SER F 40 17.10 -12.21 17.41
N LYS F 41 16.05 -11.39 17.40
CA LYS F 41 15.88 -10.34 16.38
C LYS F 41 16.18 -8.99 17.02
N THR F 42 15.64 -7.93 16.42
CA THR F 42 15.84 -6.56 16.92
C THR F 42 17.33 -6.25 17.13
N VAL F 43 18.19 -7.16 16.64
CA VAL F 43 19.64 -7.06 16.73
C VAL F 43 20.13 -6.51 18.07
N GLY F 44 19.30 -6.67 19.11
CA GLY F 44 19.65 -6.21 20.43
C GLY F 44 19.90 -7.37 21.37
N GLN F 45 20.17 -7.06 22.63
CA GLN F 45 20.45 -8.10 23.62
C GLN F 45 19.63 -7.81 24.89
N TYR F 46 19.79 -8.62 25.91
CA TYR F 46 19.01 -8.46 27.13
C TYR F 46 19.44 -7.31 28.02
N GLU F 47 18.48 -6.47 28.38
CA GLU F 47 18.70 -5.34 29.25
C GLU F 47 18.40 -5.85 30.65
N TYR F 48 19.26 -5.53 31.62
CA TYR F 48 19.03 -5.97 32.99
C TYR F 48 18.49 -4.81 33.80
N TYR F 49 17.52 -5.09 34.66
CA TYR F 49 16.94 -4.07 35.49
C TYR F 49 16.47 -4.56 36.83
N LYS F 50 16.50 -3.66 37.80
CA LYS F 50 16.02 -3.88 39.15
C LYS F 50 15.02 -2.73 39.25
N VAL F 51 13.74 -3.03 39.08
CA VAL F 51 12.69 -2.01 39.15
C VAL F 51 12.11 -1.86 40.56
N TYR F 52 11.90 -0.62 40.99
CA TYR F 52 11.35 -0.35 42.31
C TYR F 52 10.24 0.68 42.35
N MET F 53 9.28 0.47 43.25
CA MET F 53 8.23 1.45 43.44
C MET F 53 8.84 2.31 44.56
N VAL F 54 9.02 3.59 44.30
CA VAL F 54 9.66 4.46 45.28
C VAL F 54 8.92 5.71 45.73
N ASP F 55 9.52 6.35 46.72
CA ASP F 55 9.02 7.56 47.35
C ASP F 55 9.05 8.71 46.35
N LYS F 56 8.02 9.56 46.40
CA LYS F 56 7.91 10.70 45.52
C LYS F 56 9.22 11.49 45.42
N ASP F 57 10.04 11.43 46.46
CA ASP F 57 11.32 12.12 46.46
C ASP F 57 12.42 11.27 45.86
N GLN F 58 12.38 9.97 46.12
CA GLN F 58 13.41 9.09 45.58
C GLN F 58 13.31 9.16 44.06
N ALA F 59 12.10 9.37 43.56
CA ALA F 59 11.90 9.45 42.12
C ALA F 59 12.57 10.67 41.50
N ASP F 60 12.37 11.84 42.09
CA ASP F 60 12.95 13.07 41.56
C ASP F 60 14.47 13.05 41.52
N ARG F 61 15.06 12.53 42.59
CA ARG F 61 16.51 12.45 42.69
C ARG F 61 17.04 11.20 42.00
N CYS F 62 16.14 10.38 41.47
CA CYS F 62 16.51 9.13 40.81
C CYS F 62 17.50 8.38 41.66
N THR F 63 17.02 7.90 42.80
CA THR F 63 17.83 7.17 43.77
C THR F 63 16.99 6.07 44.45
N ILE F 64 17.64 4.94 44.72
CA ILE F 64 17.00 3.80 45.35
C ILE F 64 17.32 3.78 46.83
N LYS F 65 18.45 4.40 47.17
CA LYS F 65 18.94 4.45 48.55
C LYS F 65 17.78 4.57 49.56
N LYS F 66 17.83 3.71 50.58
CA LYS F 66 16.83 3.64 51.65
C LYS F 66 15.43 3.19 51.24
N GLU F 67 14.61 2.91 52.26
CA GLU F 67 13.24 2.44 52.12
C GLU F 67 12.59 2.52 50.74
N ASN F 68 12.24 1.35 50.21
CA ASN F 68 11.58 1.21 48.92
C ASN F 68 10.82 -0.11 48.91
N THR F 69 10.19 -0.42 47.79
CA THR F 69 9.48 -1.70 47.68
C THR F 69 9.68 -2.25 46.29
N PRO F 70 10.45 -3.34 46.16
CA PRO F 70 10.81 -4.07 44.94
C PRO F 70 9.67 -4.51 44.02
N LEU F 71 9.89 -4.43 42.71
CA LEU F 71 8.90 -4.85 41.74
C LEU F 71 9.37 -5.98 40.81
N LEU F 72 10.40 -5.72 40.02
CA LEU F 72 10.91 -6.71 39.09
C LEU F 72 12.43 -6.89 39.15
N ASN F 73 12.87 -8.14 39.25
CA ASN F 73 14.29 -8.40 39.25
C ASN F 73 14.60 -8.95 37.88
N CYS F 74 14.62 -8.06 36.89
CA CYS F 74 14.85 -8.44 35.51
C CYS F 74 16.26 -8.88 35.22
N ALA F 75 16.51 -10.17 35.45
CA ALA F 75 17.81 -10.74 35.24
C ALA F 75 17.71 -12.18 34.75
N ARG F 76 16.64 -12.50 34.06
CA ARG F 76 16.44 -13.84 33.49
C ARG F 76 16.26 -13.62 31.99
N PRO F 77 17.37 -13.63 31.25
CA PRO F 77 17.41 -13.42 29.80
C PRO F 77 16.36 -14.15 28.97
N ASP F 78 16.30 -15.47 29.11
CA ASP F 78 15.38 -16.26 28.32
C ASP F 78 14.06 -16.50 29.01
N GLN F 79 13.44 -15.44 29.50
CA GLN F 79 12.17 -15.57 30.22
C GLN F 79 11.64 -14.22 30.65
N ASP F 80 10.39 -13.92 30.31
CA ASP F 80 9.80 -12.66 30.70
C ASP F 80 9.60 -12.58 32.20
N VAL F 81 9.84 -11.39 32.75
CA VAL F 81 9.67 -11.16 34.17
C VAL F 81 8.71 -10.00 34.31
N LYS F 82 7.62 -10.19 35.06
CA LYS F 82 6.66 -9.12 35.17
C LYS F 82 6.00 -9.03 36.50
N PHE F 83 5.37 -7.88 36.75
CA PHE F 83 4.66 -7.65 38.00
C PHE F 83 3.24 -7.27 37.59
N THR F 84 2.25 -7.95 38.15
CA THR F 84 0.87 -7.63 37.80
C THR F 84 0.21 -6.79 38.91
N ILE F 85 0.22 -5.48 38.70
CA ILE F 85 -0.37 -4.55 39.65
C ILE F 85 -1.88 -4.59 39.58
N LYS F 86 -2.49 -4.37 40.74
CA LYS F 86 -3.93 -4.35 40.92
C LYS F 86 -4.22 -3.16 41.81
N PHE F 87 -4.63 -2.06 41.19
CA PHE F 87 -4.92 -0.84 41.93
C PHE F 87 -6.19 -0.99 42.75
N GLN F 88 -5.99 -1.55 43.94
CA GLN F 88 -7.06 -1.81 44.87
C GLN F 88 -6.76 -1.04 46.15
N GLU F 89 -7.77 -0.84 46.99
CA GLU F 89 -7.57 -0.11 48.23
C GLU F 89 -7.26 -1.04 49.41
N PHE F 90 -7.71 -2.28 49.32
CA PHE F 90 -7.46 -3.26 50.38
C PHE F 90 -7.10 -4.60 49.74
N SER F 91 -5.88 -5.08 49.95
CA SER F 91 -5.47 -6.35 49.37
C SER F 91 -5.72 -7.51 50.28
N PRO F 92 -6.41 -8.54 49.77
CA PRO F 92 -6.69 -9.73 50.58
C PRO F 92 -5.36 -10.44 50.82
N ASN F 93 -4.29 -9.86 50.30
CA ASN F 93 -2.95 -10.42 50.42
C ASN F 93 -2.11 -9.68 51.47
N LEU F 94 -1.71 -10.39 52.52
CA LEU F 94 -0.90 -9.82 53.58
C LEU F 94 0.34 -9.23 52.93
N TRP F 95 0.91 -9.97 51.98
CA TRP F 95 2.10 -9.52 51.27
C TRP F 95 1.81 -8.98 49.87
N GLY F 96 0.82 -8.09 49.79
CA GLY F 96 0.45 -7.47 48.53
C GLY F 96 0.55 -5.96 48.65
N LEU F 97 0.27 -5.24 47.56
CA LEU F 97 0.35 -3.79 47.57
C LEU F 97 -1.05 -3.21 47.55
N GLU F 98 -1.18 -2.00 48.08
CA GLU F 98 -2.45 -1.30 48.13
C GLU F 98 -2.32 0.12 47.59
N PHE F 99 -3.36 0.60 46.93
CA PHE F 99 -3.35 1.94 46.38
C PHE F 99 -4.64 2.67 46.78
N GLN F 100 -4.52 3.95 47.12
CA GLN F 100 -5.69 4.72 47.50
C GLN F 100 -5.90 5.87 46.54
N LYS F 101 -7.15 6.08 46.16
CA LYS F 101 -7.52 7.12 45.21
C LYS F 101 -6.97 8.51 45.55
N ASN F 102 -6.57 9.25 44.50
CA ASN F 102 -6.03 10.61 44.60
C ASN F 102 -4.55 10.72 44.91
N LYS F 103 -3.85 9.60 45.03
CA LYS F 103 -2.42 9.66 45.33
C LYS F 103 -1.51 9.15 44.22
N ASP F 104 -0.34 9.80 44.11
CA ASP F 104 0.65 9.43 43.11
C ASP F 104 1.59 8.36 43.66
N TYR F 105 2.00 7.46 42.79
CA TYR F 105 2.95 6.41 43.15
C TYR F 105 4.02 6.43 42.07
N TYR F 106 5.24 6.11 42.43
CA TYR F 106 6.32 6.16 41.46
C TYR F 106 7.03 4.83 41.26
N ILE F 107 7.43 4.57 40.02
CA ILE F 107 8.13 3.34 39.68
C ILE F 107 9.29 3.74 38.80
N ILE F 108 10.51 3.39 39.24
CA ILE F 108 11.72 3.73 38.49
C ILE F 108 12.81 2.66 38.59
N SER F 109 13.89 2.85 37.85
CA SER F 109 15.01 1.94 37.88
C SER F 109 16.23 2.82 37.78
N THR F 110 17.32 2.42 38.44
CA THR F 110 18.56 3.20 38.39
C THR F 110 19.67 2.32 37.84
N SER F 111 19.29 1.30 37.08
CA SER F 111 20.24 0.39 36.48
C SER F 111 20.68 1.03 35.16
N ASN F 112 21.76 0.54 34.58
CA ASN F 112 22.25 1.06 33.30
C ASN F 112 21.60 0.26 32.18
N GLY F 113 21.13 -0.93 32.53
CA GLY F 113 20.54 -1.80 31.54
C GLY F 113 21.60 -2.85 31.24
N SER F 114 22.78 -2.61 31.79
CA SER F 114 23.91 -3.52 31.62
C SER F 114 23.91 -4.44 32.84
N LEU F 115 24.36 -5.67 32.65
CA LEU F 115 24.39 -6.64 33.74
C LEU F 115 25.20 -6.13 34.92
N GLU F 116 26.27 -5.41 34.63
CA GLU F 116 27.14 -4.91 35.68
C GLU F 116 26.59 -3.68 36.38
N GLY F 117 25.45 -3.18 35.91
CA GLY F 117 24.86 -2.02 36.52
C GLY F 117 23.51 -2.35 37.10
N LEU F 118 23.14 -3.63 37.02
CA LEU F 118 21.86 -4.08 37.53
C LEU F 118 21.58 -3.52 38.92
N ASP F 119 22.53 -3.72 39.83
CA ASP F 119 22.37 -3.25 41.21
C ASP F 119 22.74 -1.80 41.51
N ASN F 120 22.88 -0.95 40.50
CA ASN F 120 23.19 0.45 40.78
C ASN F 120 21.96 1.07 41.41
N GLN F 121 22.16 2.08 42.23
CA GLN F 121 21.03 2.72 42.89
C GLN F 121 21.04 4.24 42.82
N GLU F 122 21.68 4.75 41.78
CA GLU F 122 21.78 6.19 41.56
C GLU F 122 21.72 6.61 40.09
N GLY F 123 20.77 7.47 39.76
CA GLY F 123 20.63 7.97 38.40
C GLY F 123 20.20 6.95 37.39
N GLY F 124 21.15 6.47 36.60
CA GLY F 124 20.88 5.45 35.59
C GLY F 124 19.80 5.78 34.58
N VAL F 125 19.16 4.73 34.08
CA VAL F 125 18.10 4.82 33.08
C VAL F 125 16.97 5.72 33.58
N CYS F 126 16.95 5.97 34.88
CA CYS F 126 15.94 6.86 35.45
C CYS F 126 16.18 8.24 34.85
N GLN F 127 17.42 8.71 34.87
CA GLN F 127 17.70 10.00 34.27
C GLN F 127 18.36 9.93 32.90
N THR F 128 18.75 8.74 32.46
CA THR F 128 19.36 8.60 31.14
C THR F 128 18.27 8.55 30.09
N ARG F 129 17.36 7.58 30.25
CA ARG F 129 16.26 7.38 29.31
C ARG F 129 14.92 7.80 29.90
N ALA F 130 14.94 8.61 30.95
CA ALA F 130 13.70 9.07 31.57
C ALA F 130 12.79 7.90 31.86
N MET F 131 13.36 6.71 32.01
CA MET F 131 12.52 5.56 32.28
C MET F 131 11.98 5.57 33.68
N LYS F 132 10.75 6.07 33.81
CA LYS F 132 10.09 6.07 35.09
C LYS F 132 8.59 6.19 34.92
N ILE F 133 7.85 5.75 35.92
CA ILE F 133 6.41 5.81 35.85
C ILE F 133 5.80 6.58 37.00
N LEU F 134 4.80 7.40 36.66
CA LEU F 134 4.06 8.21 37.63
C LEU F 134 2.62 7.74 37.54
N MET F 135 2.19 6.89 38.46
CA MET F 135 0.82 6.42 38.42
C MET F 135 -0.07 7.32 39.27
N LYS F 136 -0.90 8.11 38.60
CA LYS F 136 -1.81 8.99 39.32
C LYS F 136 -3.16 8.33 39.54
N VAL F 137 -3.28 7.63 40.66
CA VAL F 137 -4.51 6.93 41.01
C VAL F 137 -5.62 7.93 41.36
N GLY F 138 -6.71 7.91 40.60
CA GLY F 138 -7.81 8.83 40.86
C GLY F 138 -8.16 9.70 39.66
N ILE G 1 -21.17 -24.35 20.99
CA ILE G 1 -20.16 -24.46 22.08
C ILE G 1 -19.11 -25.55 21.81
N VAL G 2 -17.91 -25.33 22.35
CA VAL G 2 -16.79 -26.23 22.20
C VAL G 2 -16.96 -27.46 23.07
N LEU G 3 -16.89 -28.63 22.45
CA LEU G 3 -17.05 -29.91 23.13
C LEU G 3 -15.72 -30.45 23.69
N GLU G 4 -15.82 -31.33 24.67
CA GLU G 4 -14.63 -31.90 25.28
C GLU G 4 -13.78 -32.39 24.12
N PRO G 5 -12.48 -32.07 24.11
CA PRO G 5 -11.70 -32.55 22.96
C PRO G 5 -11.59 -34.06 23.05
N ILE G 6 -11.20 -34.68 21.93
CA ILE G 6 -11.02 -36.12 21.90
C ILE G 6 -9.56 -36.43 21.63
N TYR G 7 -8.82 -36.83 22.65
CA TYR G 7 -7.41 -37.16 22.43
C TYR G 7 -7.29 -38.53 21.78
N TRP G 8 -6.71 -38.54 20.58
CA TRP G 8 -6.54 -39.77 19.84
C TRP G 8 -5.27 -40.45 20.34
N ASN G 9 -5.41 -41.23 21.40
CA ASN G 9 -4.29 -41.93 22.02
C ASN G 9 -4.82 -43.28 22.51
N SER G 10 -3.94 -44.27 22.61
CA SER G 10 -4.38 -45.60 23.02
C SER G 10 -4.94 -45.64 24.41
N SER G 11 -4.48 -44.76 25.29
CA SER G 11 -4.96 -44.76 26.65
C SER G 11 -6.01 -43.69 26.91
N ASN G 12 -6.86 -43.43 25.93
CA ASN G 12 -7.92 -42.43 26.05
C ASN G 12 -9.06 -43.02 26.88
N SER G 13 -9.36 -44.29 26.64
CA SER G 13 -10.43 -45.03 27.35
C SER G 13 -11.86 -44.55 27.10
N LYS G 14 -12.02 -43.43 26.42
CA LYS G 14 -13.36 -42.95 26.10
C LYS G 14 -13.81 -43.76 24.89
N PHE G 15 -12.88 -44.57 24.38
CA PHE G 15 -13.11 -45.46 23.26
C PHE G 15 -13.54 -46.76 23.91
N LEU G 16 -14.84 -46.89 24.14
CA LEU G 16 -15.38 -48.07 24.77
C LEU G 16 -15.18 -49.36 23.99
N PRO G 17 -14.74 -50.42 24.69
CA PRO G 17 -14.51 -51.73 24.06
C PRO G 17 -15.66 -52.15 23.15
N GLY G 18 -15.31 -52.75 22.02
CA GLY G 18 -16.31 -53.22 21.08
C GLY G 18 -17.27 -52.16 20.60
N GLY G 19 -17.07 -50.90 21.01
CA GLY G 19 -18.00 -49.88 20.59
C GLY G 19 -17.36 -48.60 20.08
N GLY G 20 -16.20 -48.26 20.62
CA GLY G 20 -15.56 -47.03 20.20
C GLY G 20 -16.16 -45.87 20.99
N LEU G 21 -16.44 -44.78 20.30
CA LEU G 21 -16.98 -43.58 20.92
C LEU G 21 -18.11 -42.96 20.12
N VAL G 22 -19.18 -42.56 20.82
CA VAL G 22 -20.33 -41.94 20.19
C VAL G 22 -20.44 -40.52 20.75
N LEU G 23 -20.84 -39.55 19.94
CA LEU G 23 -20.89 -38.19 20.42
C LEU G 23 -22.19 -37.41 20.40
N TYR G 24 -22.90 -37.47 19.28
CA TYR G 24 -24.14 -36.69 19.16
C TYR G 24 -23.80 -35.20 19.05
N PRO G 25 -22.78 -34.85 18.25
CA PRO G 25 -22.43 -33.44 18.13
C PRO G 25 -23.56 -32.71 17.42
N GLN G 26 -23.90 -31.52 17.89
CA GLN G 26 -24.98 -30.75 17.28
C GLN G 26 -24.46 -29.63 16.42
N ILE G 27 -25.18 -29.33 15.35
CA ILE G 27 -24.79 -28.28 14.42
C ILE G 27 -24.64 -26.96 15.14
N GLY G 28 -23.45 -26.39 15.05
CA GLY G 28 -23.16 -25.14 15.72
C GLY G 28 -22.00 -25.42 16.67
N ASP G 29 -21.80 -26.70 16.98
CA ASP G 29 -20.73 -27.13 17.87
C ASP G 29 -19.37 -27.32 17.16
N LYS G 30 -18.30 -27.33 17.96
CA LYS G 30 -16.95 -27.52 17.43
C LYS G 30 -16.30 -28.62 18.24
N LEU G 31 -15.32 -29.30 17.65
CA LEU G 31 -14.67 -30.39 18.33
C LEU G 31 -13.24 -30.55 17.86
N ASP G 32 -12.35 -30.86 18.80
CA ASP G 32 -10.96 -31.04 18.47
C ASP G 32 -10.56 -32.50 18.65
N ILE G 33 -9.73 -32.96 17.73
CA ILE G 33 -9.20 -34.30 17.78
C ILE G 33 -7.72 -34.02 17.83
N ILE G 34 -7.07 -34.58 18.82
CA ILE G 34 -5.67 -34.31 19.04
C ILE G 34 -4.76 -35.51 19.21
N CYS G 35 -3.61 -35.45 18.55
CA CYS G 35 -2.61 -36.49 18.70
C CYS G 35 -1.57 -35.75 19.53
N PRO G 36 -1.48 -36.10 20.81
CA PRO G 36 -0.52 -35.46 21.72
C PRO G 36 0.92 -35.78 21.38
N LYS G 37 1.78 -34.78 21.58
CA LYS G 37 3.19 -34.91 21.33
C LYS G 37 3.72 -35.84 22.40
N VAL G 38 4.97 -36.23 22.30
CA VAL G 38 5.52 -37.09 23.33
C VAL G 38 6.32 -36.18 24.23
N ASP G 39 6.56 -36.66 25.44
CA ASP G 39 7.33 -35.93 26.43
C ASP G 39 7.94 -36.98 27.34
N SER G 40 9.20 -36.75 27.75
CA SER G 40 9.89 -37.69 28.63
C SER G 40 9.05 -37.97 29.89
N LYS G 41 8.16 -37.04 30.22
CA LYS G 41 7.28 -37.21 31.38
C LYS G 41 6.32 -38.36 31.11
N THR G 42 5.73 -38.90 32.17
CA THR G 42 4.79 -40.02 32.08
C THR G 42 5.07 -40.89 30.84
N VAL G 43 6.32 -41.37 30.74
CA VAL G 43 6.84 -42.21 29.64
C VAL G 43 5.84 -43.16 28.97
N GLY G 44 5.88 -43.21 27.64
CA GLY G 44 4.96 -44.09 26.92
C GLY G 44 5.14 -44.15 25.41
N GLN G 45 6.22 -43.56 24.89
CA GLN G 45 6.49 -43.56 23.46
C GLN G 45 5.40 -42.80 22.70
N TYR G 46 5.75 -42.20 21.58
CA TYR G 46 4.80 -41.45 20.75
C TYR G 46 4.01 -42.44 19.89
N GLU G 47 2.73 -42.18 19.73
CA GLU G 47 1.89 -43.06 18.94
C GLU G 47 1.62 -42.46 17.56
N TYR G 48 2.05 -43.18 16.53
CA TYR G 48 1.83 -42.69 15.17
C TYR G 48 0.49 -43.21 14.70
N TYR G 49 -0.23 -42.36 13.97
CA TYR G 49 -1.53 -42.68 13.44
C TYR G 49 -1.82 -41.82 12.24
N LYS G 50 -2.80 -42.25 11.48
CA LYS G 50 -3.24 -41.54 10.31
C LYS G 50 -4.74 -41.70 10.50
N VAL G 51 -5.45 -40.60 10.76
CA VAL G 51 -6.87 -40.64 11.02
C VAL G 51 -7.67 -40.19 9.82
N TYR G 52 -8.64 -40.98 9.44
CA TYR G 52 -9.49 -40.64 8.31
C TYR G 52 -10.95 -40.65 8.70
N MET G 53 -11.76 -39.96 7.89
CA MET G 53 -13.18 -39.95 8.11
C MET G 53 -13.68 -40.86 7.00
N VAL G 54 -14.56 -41.80 7.33
CA VAL G 54 -15.06 -42.72 6.32
C VAL G 54 -16.57 -42.92 6.42
N ASP G 55 -17.07 -43.92 5.68
CA ASP G 55 -18.50 -44.24 5.70
C ASP G 55 -18.75 -45.44 6.60
N LYS G 56 -20.00 -45.61 7.04
CA LYS G 56 -20.36 -46.70 7.93
C LYS G 56 -19.71 -48.04 7.55
N ASP G 57 -19.83 -48.43 6.30
CA ASP G 57 -19.26 -49.70 5.85
C ASP G 57 -17.75 -49.78 6.11
N GLN G 58 -17.01 -48.75 5.68
CA GLN G 58 -15.56 -48.71 5.88
C GLN G 58 -15.19 -48.69 7.36
N ALA G 59 -16.13 -48.28 8.19
CA ALA G 59 -15.89 -48.23 9.62
C ALA G 59 -16.12 -49.62 10.19
N ASP G 60 -17.19 -50.27 9.74
CA ASP G 60 -17.50 -51.62 10.20
C ASP G 60 -16.38 -52.58 9.78
N ARG G 61 -15.89 -52.41 8.55
CA ARG G 61 -14.81 -53.24 8.04
C ARG G 61 -13.40 -52.82 8.45
N CYS G 62 -13.29 -51.65 9.05
CA CYS G 62 -11.99 -51.11 9.47
C CYS G 62 -11.00 -51.02 8.32
N THR G 63 -11.37 -50.29 7.27
CA THR G 63 -10.51 -50.10 6.11
C THR G 63 -10.51 -48.65 5.63
N ILE G 64 -9.33 -48.18 5.20
CA ILE G 64 -9.15 -46.83 4.70
C ILE G 64 -9.24 -46.92 3.19
N LYS G 65 -9.17 -48.14 2.68
CA LYS G 65 -9.26 -48.37 1.24
C LYS G 65 -10.48 -47.65 0.68
N LYS G 66 -10.36 -47.20 -0.59
CA LYS G 66 -11.45 -46.50 -1.27
C LYS G 66 -11.56 -45.03 -0.83
N GLU G 67 -12.77 -44.47 -0.89
CA GLU G 67 -12.99 -43.08 -0.50
C GLU G 67 -12.48 -42.83 0.92
N ASN G 68 -11.89 -41.66 1.13
CA ASN G 68 -11.39 -41.29 2.44
C ASN G 68 -11.29 -39.77 2.52
N THR G 69 -11.40 -39.26 3.74
CA THR G 69 -11.28 -37.84 3.98
C THR G 69 -10.30 -37.76 5.13
N PRO G 70 -9.02 -37.52 4.82
CA PRO G 70 -7.97 -37.42 5.86
C PRO G 70 -8.28 -36.33 6.88
N LEU G 71 -7.71 -36.46 8.07
CA LEU G 71 -7.93 -35.47 9.10
C LEU G 71 -6.65 -35.14 9.84
N LEU G 72 -5.96 -36.19 10.29
CA LEU G 72 -4.73 -36.02 11.04
C LEU G 72 -3.59 -36.90 10.58
N ASN G 73 -2.45 -36.29 10.33
CA ASN G 73 -1.24 -37.01 9.92
C ASN G 73 -0.33 -36.95 11.14
N CYS G 74 -0.64 -37.79 12.12
CA CYS G 74 0.10 -37.83 13.37
C CYS G 74 1.44 -38.52 13.28
N ALA G 75 2.44 -37.75 12.91
CA ALA G 75 3.79 -38.27 12.80
C ALA G 75 4.79 -37.17 13.18
N ARG G 76 4.38 -36.31 14.11
CA ARG G 76 5.21 -35.21 14.61
C ARG G 76 5.35 -35.36 16.12
N PRO G 77 6.33 -36.16 16.57
CA PRO G 77 6.58 -36.41 17.99
C PRO G 77 6.59 -35.19 18.89
N ASP G 78 7.27 -34.12 18.45
CA ASP G 78 7.35 -32.92 19.27
C ASP G 78 6.14 -32.01 19.15
N GLN G 79 5.08 -32.49 18.53
CA GLN G 79 3.91 -31.63 18.34
C GLN G 79 2.54 -32.24 18.48
N ASP G 80 1.63 -31.44 19.02
CA ASP G 80 0.24 -31.84 19.11
C ASP G 80 -0.31 -31.59 17.71
N VAL G 81 -1.02 -32.57 17.16
CA VAL G 81 -1.63 -32.42 15.83
C VAL G 81 -3.15 -32.36 16.03
N LYS G 82 -3.79 -31.32 15.51
CA LYS G 82 -5.22 -31.20 15.73
C LYS G 82 -6.07 -30.99 14.48
N PHE G 83 -7.34 -31.28 14.62
CA PHE G 83 -8.27 -31.01 13.56
C PHE G 83 -9.44 -30.40 14.29
N THR G 84 -9.76 -29.14 13.98
CA THR G 84 -10.89 -28.52 14.62
C THR G 84 -12.09 -28.64 13.70
N ILE G 85 -12.96 -29.58 14.02
CA ILE G 85 -14.18 -29.82 13.26
C ILE G 85 -15.23 -28.77 13.65
N LYS G 86 -15.94 -28.25 12.65
CA LYS G 86 -17.03 -27.29 12.91
C LYS G 86 -18.26 -27.93 12.30
N PHE G 87 -19.13 -28.53 13.10
CA PHE G 87 -20.30 -29.19 12.53
C PHE G 87 -21.31 -28.21 11.97
N GLN G 88 -20.94 -27.63 10.83
CA GLN G 88 -21.73 -26.65 10.10
C GLN G 88 -22.45 -27.32 8.91
N GLU G 89 -23.46 -26.67 8.37
CA GLU G 89 -24.18 -27.24 7.23
C GLU G 89 -23.74 -26.67 5.88
N PHE G 90 -23.19 -25.46 5.91
CA PHE G 90 -22.70 -24.80 4.70
C PHE G 90 -21.39 -24.06 4.98
N SER G 91 -20.32 -24.56 4.37
CA SER G 91 -18.96 -24.04 4.54
C SER G 91 -18.52 -22.84 3.72
N PRO G 92 -18.01 -21.81 4.39
CA PRO G 92 -17.51 -20.60 3.76
C PRO G 92 -16.18 -20.96 3.11
N ASN G 93 -15.64 -22.09 3.56
CA ASN G 93 -14.37 -22.61 3.08
C ASN G 93 -14.63 -23.54 1.90
N LEU G 94 -14.08 -23.20 0.73
CA LEU G 94 -14.23 -24.02 -0.47
C LEU G 94 -13.71 -25.43 -0.20
N TRP G 95 -12.68 -25.53 0.63
CA TRP G 95 -12.13 -26.83 0.99
C TRP G 95 -12.42 -27.14 2.46
N GLY G 96 -13.71 -27.17 2.80
CA GLY G 96 -14.12 -27.49 4.15
C GLY G 96 -14.96 -28.74 4.20
N LEU G 97 -15.47 -29.04 5.38
CA LEU G 97 -16.31 -30.21 5.58
C LEU G 97 -17.68 -29.70 6.00
N GLU G 98 -18.73 -30.38 5.55
CA GLU G 98 -20.11 -30.02 5.89
C GLU G 98 -20.78 -31.25 6.49
N PHE G 99 -21.76 -31.08 7.36
CA PHE G 99 -22.36 -32.24 7.99
C PHE G 99 -23.84 -32.62 7.85
N GLN G 100 -24.78 -31.69 7.95
CA GLN G 100 -26.19 -32.08 7.79
C GLN G 100 -26.83 -32.71 9.05
N LYS G 101 -27.98 -32.18 9.44
CA LYS G 101 -28.70 -32.65 10.62
C LYS G 101 -29.10 -34.13 10.47
N ASN G 102 -29.30 -34.80 11.60
CA ASN G 102 -29.69 -36.21 11.64
C ASN G 102 -29.00 -37.13 10.64
N LYS G 103 -27.69 -37.28 10.79
CA LYS G 103 -26.90 -38.14 9.91
C LYS G 103 -25.55 -38.54 10.53
N ASP G 104 -25.30 -39.84 10.62
CA ASP G 104 -24.08 -40.36 11.23
C ASP G 104 -22.79 -40.16 10.43
N TYR G 105 -21.75 -39.71 11.11
CA TYR G 105 -20.45 -39.54 10.48
C TYR G 105 -19.44 -40.45 11.17
N TYR G 106 -18.54 -41.03 10.39
CA TYR G 106 -17.56 -41.95 10.94
C TYR G 106 -16.12 -41.48 10.81
N ILE G 107 -15.29 -41.85 11.80
CA ILE G 107 -13.88 -41.50 11.80
C ILE G 107 -13.13 -42.67 12.43
N ILE G 108 -12.03 -43.09 11.81
CA ILE G 108 -11.21 -44.20 12.31
C ILE G 108 -9.76 -44.07 11.87
N SER G 109 -8.94 -45.00 12.33
CA SER G 109 -7.53 -45.07 11.96
C SER G 109 -7.20 -46.54 11.86
N THR G 110 -6.49 -46.92 10.80
CA THR G 110 -6.12 -48.32 10.65
C THR G 110 -4.62 -48.46 10.87
N SER G 111 -4.02 -47.40 11.43
CA SER G 111 -2.60 -47.41 11.74
C SER G 111 -2.44 -48.29 12.98
N ASN G 112 -1.26 -48.88 13.18
CA ASN G 112 -1.10 -49.75 14.33
C ASN G 112 -0.45 -49.06 15.51
N GLY G 113 -0.06 -47.80 15.32
CA GLY G 113 0.57 -47.07 16.40
C GLY G 113 2.05 -46.80 16.20
N SER G 114 2.66 -47.56 15.30
CA SER G 114 4.08 -47.40 15.01
C SER G 114 4.31 -46.73 13.65
N LEU G 115 5.52 -46.19 13.47
CA LEU G 115 5.89 -45.52 12.23
C LEU G 115 5.72 -46.52 11.10
N GLU G 116 6.05 -47.77 11.39
CA GLU G 116 5.90 -48.88 10.43
C GLU G 116 4.48 -48.88 9.89
N GLY G 117 3.53 -49.29 10.72
CA GLY G 117 2.15 -49.36 10.29
C GLY G 117 1.41 -48.04 10.16
N LEU G 118 2.12 -46.92 10.01
CA LEU G 118 1.45 -45.63 9.89
C LEU G 118 0.44 -45.62 8.74
N ASP G 119 0.86 -46.14 7.58
CA ASP G 119 0.00 -46.16 6.41
C ASP G 119 -0.80 -47.44 6.21
N ASN G 120 -1.00 -48.22 7.26
CA ASN G 120 -1.79 -49.43 7.13
C ASN G 120 -3.17 -49.09 6.62
N GLN G 121 -3.71 -49.94 5.74
CA GLN G 121 -5.04 -49.75 5.16
C GLN G 121 -6.08 -50.61 5.86
N GLU G 122 -5.61 -51.64 6.56
CA GLU G 122 -6.50 -52.63 7.20
C GLU G 122 -6.42 -52.81 8.72
N GLY G 123 -7.59 -52.97 9.36
CA GLY G 123 -7.65 -53.18 10.80
C GLY G 123 -6.83 -52.22 11.64
N GLY G 124 -6.17 -52.77 12.67
CA GLY G 124 -5.29 -52.01 13.55
C GLY G 124 -5.82 -50.83 14.34
N VAL G 125 -6.05 -51.00 15.63
CA VAL G 125 -6.55 -49.91 16.47
C VAL G 125 -8.02 -49.71 16.18
N CYS G 126 -8.40 -49.72 14.90
CA CYS G 126 -9.81 -49.60 14.58
C CYS G 126 -10.49 -50.85 15.12
N GLN G 127 -9.86 -51.99 14.96
CA GLN G 127 -10.43 -53.21 15.50
C GLN G 127 -9.62 -53.64 16.73
N THR G 128 -8.33 -53.37 16.69
CA THR G 128 -7.47 -53.75 17.80
C THR G 128 -7.85 -53.14 19.12
N ARG G 129 -8.11 -51.83 19.14
CA ARG G 129 -8.49 -51.19 20.39
C ARG G 129 -9.78 -50.34 20.30
N ALA G 130 -10.53 -50.54 19.21
CA ALA G 130 -11.78 -49.85 18.98
C ALA G 130 -11.68 -48.34 18.95
N MET G 131 -10.62 -47.83 18.36
CA MET G 131 -10.49 -46.40 18.30
C MET G 131 -11.23 -45.92 17.07
N LYS G 132 -12.53 -45.80 17.19
CA LYS G 132 -13.33 -45.33 16.07
C LYS G 132 -14.40 -44.44 16.65
N ILE G 133 -14.72 -43.35 15.96
CA ILE G 133 -15.72 -42.44 16.47
C ILE G 133 -17.01 -42.43 15.67
N LEU G 134 -18.14 -42.41 16.37
CA LEU G 134 -19.43 -42.34 15.70
C LEU G 134 -20.00 -40.98 16.05
N MET G 135 -20.21 -40.15 15.03
CA MET G 135 -20.77 -38.82 15.25
C MET G 135 -22.21 -38.76 14.74
N LYS G 136 -23.16 -38.75 15.67
CA LYS G 136 -24.55 -38.68 15.30
C LYS G 136 -25.04 -37.23 15.40
N VAL G 137 -24.78 -36.47 14.33
CA VAL G 137 -25.15 -35.06 14.25
C VAL G 137 -26.68 -34.87 14.37
N GLY G 138 -27.13 -34.40 15.52
CA GLY G 138 -28.56 -34.20 15.74
C GLY G 138 -29.26 -35.50 16.10
N ILE H 1 11.33 4.60 -36.35
CA ILE H 1 10.93 5.67 -37.32
C ILE H 1 9.45 6.02 -37.23
N VAL H 2 9.15 7.30 -37.01
CA VAL H 2 7.77 7.77 -36.92
C VAL H 2 7.35 8.36 -38.28
N LEU H 3 6.60 7.57 -39.04
CA LEU H 3 6.14 7.94 -40.37
C LEU H 3 5.16 9.11 -40.34
N GLU H 4 5.19 9.94 -41.39
CA GLU H 4 4.28 11.08 -41.42
C GLU H 4 2.87 10.59 -41.16
N PRO H 5 2.12 11.32 -40.31
CA PRO H 5 0.75 10.93 -40.01
C PRO H 5 -0.04 10.98 -41.29
N ILE H 6 -1.07 10.17 -41.40
CA ILE H 6 -1.88 10.18 -42.59
C ILE H 6 -3.25 10.75 -42.24
N TYR H 7 -3.50 12.01 -42.60
CA TYR H 7 -4.82 12.55 -42.29
C TYR H 7 -5.87 11.93 -43.19
N TRP H 8 -6.87 11.35 -42.54
CA TRP H 8 -7.98 10.72 -43.24
C TRP H 8 -9.05 11.78 -43.44
N ASN H 9 -8.93 12.55 -44.51
CA ASN H 9 -9.91 13.60 -44.79
C ASN H 9 -10.00 13.75 -46.31
N SER H 10 -11.13 14.23 -46.80
CA SER H 10 -11.32 14.36 -48.24
C SER H 10 -10.21 15.14 -48.92
N SER H 11 -9.58 16.04 -48.19
CA SER H 11 -8.54 16.86 -48.77
C SER H 11 -7.10 16.40 -48.51
N ASN H 12 -6.93 15.13 -48.16
CA ASN H 12 -5.59 14.60 -47.90
C ASN H 12 -4.76 14.53 -49.16
N SER H 13 -5.44 14.57 -50.31
CA SER H 13 -4.77 14.57 -51.61
C SER H 13 -3.67 13.51 -51.90
N LYS H 14 -3.15 12.86 -50.87
CA LYS H 14 -2.13 11.84 -51.08
C LYS H 14 -2.88 10.57 -51.50
N PHE H 15 -4.18 10.74 -51.67
CA PHE H 15 -5.05 9.65 -52.10
C PHE H 15 -5.18 9.77 -53.60
N LEU H 16 -4.31 9.05 -54.32
CA LEU H 16 -4.31 9.06 -55.77
C LEU H 16 -5.44 8.18 -56.31
N PRO H 17 -6.20 8.68 -57.30
CA PRO H 17 -7.31 7.93 -57.89
C PRO H 17 -6.79 6.67 -58.59
N GLY H 18 -7.29 5.50 -58.19
CA GLY H 18 -6.85 4.27 -58.81
C GLY H 18 -6.42 3.19 -57.84
N GLY H 19 -5.46 3.51 -56.98
CA GLY H 19 -4.98 2.56 -56.00
C GLY H 19 -5.03 3.14 -54.60
N GLY H 20 -5.32 4.43 -54.52
CA GLY H 20 -5.40 5.09 -53.24
C GLY H 20 -4.05 5.62 -52.78
N LEU H 21 -3.49 4.96 -51.77
CA LEU H 21 -2.21 5.38 -51.22
C LEU H 21 -1.41 4.17 -50.73
N VAL H 22 -0.11 4.17 -51.00
CA VAL H 22 0.79 3.08 -50.60
C VAL H 22 1.91 3.70 -49.76
N LEU H 23 2.45 2.95 -48.80
CA LEU H 23 3.50 3.50 -47.94
C LEU H 23 4.83 2.80 -47.95
N TYR H 24 4.79 1.51 -47.63
CA TYR H 24 5.99 0.69 -47.52
C TYR H 24 6.55 0.91 -46.11
N PRO H 25 5.71 0.70 -45.08
CA PRO H 25 6.22 0.90 -43.73
C PRO H 25 7.19 -0.23 -43.42
N GLN H 26 8.12 0.02 -42.51
CA GLN H 26 9.10 -0.98 -42.14
C GLN H 26 8.92 -1.40 -40.69
N ILE H 27 9.08 -2.69 -40.42
CA ILE H 27 8.93 -3.19 -39.08
C ILE H 27 9.69 -2.32 -38.08
N GLY H 28 8.97 -1.89 -37.05
CA GLY H 28 9.54 -1.02 -36.04
C GLY H 28 9.00 0.39 -36.25
N ASP H 29 8.34 0.62 -37.38
CA ASP H 29 7.79 1.92 -37.67
C ASP H 29 6.51 2.19 -36.91
N LYS H 30 6.16 3.46 -36.84
CA LYS H 30 4.97 3.94 -36.16
C LYS H 30 4.24 4.94 -37.05
N LEU H 31 2.95 4.72 -37.24
CA LEU H 31 2.15 5.60 -38.08
C LEU H 31 0.83 5.97 -37.44
N ASP H 32 0.42 7.21 -37.60
CA ASP H 32 -0.84 7.65 -37.05
C ASP H 32 -1.83 8.07 -38.12
N ILE H 33 -2.99 7.45 -38.08
CA ILE H 33 -4.05 7.76 -39.01
C ILE H 33 -4.98 8.67 -38.21
N ILE H 34 -5.18 9.88 -38.71
CA ILE H 34 -5.95 10.89 -38.00
C ILE H 34 -7.20 11.46 -38.68
N CYS H 35 -8.22 11.70 -37.86
CA CYS H 35 -9.45 12.30 -38.32
C CYS H 35 -9.51 13.69 -37.70
N PRO H 36 -9.26 14.73 -38.53
CA PRO H 36 -9.26 16.14 -38.17
C PRO H 36 -10.45 16.58 -37.34
N LYS H 37 -10.18 17.43 -36.35
CA LYS H 37 -11.19 17.96 -35.45
C LYS H 37 -12.30 18.63 -36.25
N VAL H 38 -12.06 19.85 -36.71
CA VAL H 38 -13.04 20.60 -37.48
C VAL H 38 -12.64 22.07 -37.66
N ASP H 39 -12.18 22.39 -38.88
CA ASP H 39 -11.77 23.75 -39.19
C ASP H 39 -13.00 24.66 -39.33
N SER H 40 -13.11 25.60 -38.39
CA SER H 40 -14.23 26.54 -38.36
C SER H 40 -14.08 27.54 -39.51
N LYS H 41 -13.15 27.27 -40.41
CA LYS H 41 -12.88 28.14 -41.56
C LYS H 41 -13.33 27.46 -42.86
N THR H 42 -14.02 28.23 -43.71
CA THR H 42 -14.56 27.78 -44.99
C THR H 42 -15.90 27.06 -44.69
N VAL H 43 -16.41 26.26 -45.63
CA VAL H 43 -17.66 25.52 -45.39
C VAL H 43 -17.28 24.30 -44.55
N GLY H 44 -15.97 24.16 -44.34
CA GLY H 44 -15.40 23.06 -43.58
C GLY H 44 -16.25 22.37 -42.53
N GLN H 45 -16.74 21.18 -42.89
CA GLN H 45 -17.54 20.38 -41.97
C GLN H 45 -16.75 19.15 -41.54
N TYR H 46 -17.27 18.48 -40.52
CA TYR H 46 -16.61 17.29 -40.04
C TYR H 46 -17.02 16.20 -41.01
N GLU H 47 -16.06 15.38 -41.44
CA GLU H 47 -16.33 14.27 -42.35
C GLU H 47 -16.41 12.99 -41.54
N TYR H 48 -17.63 12.54 -41.26
CA TYR H 48 -17.76 11.32 -40.48
C TYR H 48 -17.28 10.12 -41.26
N TYR H 49 -16.59 9.22 -40.58
CA TYR H 49 -16.07 8.02 -41.19
C TYR H 49 -15.98 6.92 -40.15
N LYS H 50 -15.74 5.72 -40.64
CA LYS H 50 -15.54 4.59 -39.79
C LYS H 50 -14.59 3.72 -40.60
N VAL H 51 -13.30 3.90 -40.31
CA VAL H 51 -12.19 3.23 -40.99
C VAL H 51 -11.90 1.79 -40.51
N TYR H 52 -11.70 0.88 -41.46
CA TYR H 52 -11.38 -0.51 -41.11
C TYR H 52 -10.17 -1.05 -41.85
N MET H 53 -9.59 -2.12 -41.33
CA MET H 53 -8.46 -2.80 -41.94
C MET H 53 -9.02 -4.11 -42.47
N VAL H 54 -9.13 -4.23 -43.80
CA VAL H 54 -9.70 -5.42 -44.41
C VAL H 54 -8.79 -6.32 -45.26
N ASP H 55 -9.44 -7.28 -45.92
CA ASP H 55 -8.81 -8.28 -46.80
C ASP H 55 -8.54 -7.62 -48.17
N LYS H 56 -7.43 -7.96 -48.85
CA LYS H 56 -7.15 -7.37 -50.16
C LYS H 56 -8.41 -7.52 -51.01
N ASP H 57 -9.03 -8.67 -50.88
CA ASP H 57 -10.26 -8.98 -51.58
C ASP H 57 -11.30 -7.93 -51.25
N GLN H 58 -11.36 -7.56 -49.98
CA GLN H 58 -12.32 -6.58 -49.48
C GLN H 58 -12.01 -5.15 -49.93
N ALA H 59 -10.74 -4.76 -49.86
CA ALA H 59 -10.36 -3.41 -50.27
C ALA H 59 -10.58 -3.17 -51.75
N ASP H 60 -10.48 -4.24 -52.54
CA ASP H 60 -10.69 -4.15 -53.98
C ASP H 60 -12.18 -4.00 -54.28
N ARG H 61 -12.98 -4.79 -53.59
CA ARG H 61 -14.43 -4.72 -53.76
C ARG H 61 -14.99 -3.56 -52.95
N CYS H 62 -14.11 -2.84 -52.25
CA CYS H 62 -14.52 -1.72 -51.40
C CYS H 62 -15.76 -2.14 -50.62
N THR H 63 -15.61 -3.16 -49.78
CA THR H 63 -16.70 -3.66 -48.97
C THR H 63 -16.15 -4.16 -47.64
N ILE H 64 -16.82 -3.77 -46.56
CA ILE H 64 -16.41 -4.13 -45.21
C ILE H 64 -17.29 -5.23 -44.62
N LYS H 65 -18.20 -5.77 -45.42
CA LYS H 65 -19.10 -6.82 -44.94
C LYS H 65 -18.33 -8.05 -44.47
N LYS H 66 -18.47 -8.37 -43.18
CA LYS H 66 -17.80 -9.54 -42.58
C LYS H 66 -16.31 -9.29 -42.38
N GLU H 67 -15.66 -10.14 -41.61
CA GLU H 67 -14.22 -10.01 -41.36
C GLU H 67 -13.80 -8.55 -41.16
N ASN H 68 -13.68 -8.11 -39.92
CA ASN H 68 -13.30 -6.73 -39.65
C ASN H 68 -12.37 -6.50 -38.46
N THR H 69 -11.55 -5.47 -38.62
CA THR H 69 -10.66 -5.02 -37.58
C THR H 69 -10.79 -3.51 -37.67
N PRO H 70 -11.65 -2.93 -36.82
CA PRO H 70 -11.90 -1.48 -36.78
C PRO H 70 -10.66 -0.66 -36.42
N LEU H 71 -10.56 0.56 -36.94
CA LEU H 71 -9.43 1.42 -36.61
C LEU H 71 -9.90 2.75 -36.05
N LEU H 72 -10.77 3.43 -36.79
CA LEU H 72 -11.28 4.72 -36.35
C LEU H 72 -12.80 4.81 -36.50
N ASN H 73 -13.43 5.44 -35.50
CA ASN H 73 -14.87 5.68 -35.51
C ASN H 73 -14.93 7.19 -35.45
N CYS H 74 -14.65 7.83 -36.57
CA CYS H 74 -14.63 9.29 -36.61
C CYS H 74 -15.99 9.94 -36.52
N ALA H 75 -16.49 10.06 -35.30
CA ALA H 75 -17.80 10.66 -35.07
C ALA H 75 -17.74 11.68 -33.94
N ARG H 76 -16.55 12.17 -33.61
CA ARG H 76 -16.41 13.17 -32.56
C ARG H 76 -15.80 14.45 -33.11
N PRO H 77 -16.61 15.24 -33.82
CA PRO H 77 -16.27 16.50 -34.47
C PRO H 77 -15.55 17.49 -33.58
N ASP H 78 -15.72 17.32 -32.27
CA ASP H 78 -15.09 18.23 -31.33
C ASP H 78 -13.64 17.90 -31.03
N GLN H 79 -13.08 16.90 -31.69
CA GLN H 79 -11.70 16.52 -31.41
C GLN H 79 -11.08 15.43 -32.26
N ASP H 80 -9.78 15.52 -32.45
CA ASP H 80 -9.02 14.55 -33.23
C ASP H 80 -9.20 13.11 -32.81
N VAL H 81 -9.28 12.22 -33.79
CA VAL H 81 -9.42 10.80 -33.55
C VAL H 81 -8.30 10.11 -34.31
N LYS H 82 -7.54 9.26 -33.60
CA LYS H 82 -6.41 8.58 -34.24
C LYS H 82 -6.26 7.11 -33.90
N PHE H 83 -5.20 6.55 -34.45
CA PHE H 83 -4.85 5.17 -34.20
C PHE H 83 -3.36 5.14 -34.48
N THR H 84 -2.58 4.76 -33.47
CA THR H 84 -1.15 4.71 -33.61
C THR H 84 -0.76 3.29 -33.93
N ILE H 85 -0.35 3.09 -35.18
CA ILE H 85 0.04 1.77 -35.63
C ILE H 85 1.51 1.49 -35.33
N LYS H 86 1.78 0.26 -34.90
CA LYS H 86 3.14 -0.14 -34.62
C LYS H 86 3.42 -1.42 -35.39
N PHE H 87 4.08 -1.29 -36.53
CA PHE H 87 4.40 -2.47 -37.32
C PHE H 87 5.40 -3.27 -36.54
N GLN H 88 4.86 -4.28 -35.88
CA GLN H 88 5.62 -5.19 -35.05
C GLN H 88 5.18 -6.61 -35.40
N GLU H 89 6.07 -7.57 -35.23
CA GLU H 89 5.73 -8.93 -35.54
C GLU H 89 5.10 -9.57 -34.32
N PHE H 90 5.66 -9.29 -33.15
CA PHE H 90 5.14 -9.81 -31.89
C PHE H 90 4.64 -8.71 -30.98
N SER H 91 3.32 -8.70 -30.76
CA SER H 91 2.66 -7.71 -29.91
C SER H 91 2.51 -8.17 -28.46
N PRO H 92 2.96 -7.35 -27.51
CA PRO H 92 2.89 -7.64 -26.07
C PRO H 92 1.46 -7.32 -25.60
N ASN H 93 0.73 -6.63 -26.46
CA ASN H 93 -0.64 -6.24 -26.19
C ASN H 93 -1.59 -7.31 -26.68
N LEU H 94 -2.19 -8.06 -25.77
CA LEU H 94 -3.17 -9.08 -26.17
C LEU H 94 -4.19 -8.14 -26.78
N TRP H 95 -4.91 -8.57 -27.81
CA TRP H 95 -5.88 -7.67 -28.45
C TRP H 95 -5.08 -6.54 -29.10
N GLY H 96 -3.93 -6.88 -29.67
CA GLY H 96 -3.12 -5.88 -30.33
C GLY H 96 -2.98 -6.21 -31.81
N LEU H 97 -2.17 -5.44 -32.52
CA LEU H 97 -1.97 -5.71 -33.94
C LEU H 97 -0.54 -6.16 -34.20
N GLU H 98 -0.41 -7.10 -35.14
CA GLU H 98 0.88 -7.66 -35.53
C GLU H 98 0.98 -7.73 -37.04
N PHE H 99 1.99 -7.06 -37.61
CA PHE H 99 2.20 -7.06 -39.05
C PHE H 99 3.40 -7.91 -39.39
N GLN H 100 3.20 -8.93 -40.22
CA GLN H 100 4.32 -9.76 -40.57
C GLN H 100 4.93 -9.28 -41.87
N LYS H 101 6.22 -8.94 -41.81
CA LYS H 101 7.00 -8.45 -42.95
C LYS H 101 6.72 -9.14 -44.28
N ASN H 102 6.80 -8.36 -45.36
CA ASN H 102 6.57 -8.86 -46.72
C ASN H 102 5.13 -9.20 -47.05
N LYS H 103 4.19 -8.59 -46.35
CA LYS H 103 2.79 -8.86 -46.60
C LYS H 103 2.02 -7.55 -46.70
N ASP H 104 0.96 -7.55 -47.50
CA ASP H 104 0.18 -6.35 -47.70
C ASP H 104 -1.02 -6.26 -46.76
N TYR H 105 -1.24 -5.05 -46.24
CA TYR H 105 -2.34 -4.79 -45.35
C TYR H 105 -3.10 -3.61 -45.95
N TYR H 106 -4.41 -3.74 -46.01
CA TYR H 106 -5.23 -2.69 -46.60
C TYR H 106 -6.13 -2.00 -45.56
N ILE H 107 -6.43 -0.72 -45.80
CA ILE H 107 -7.29 0.06 -44.93
C ILE H 107 -8.25 0.86 -45.79
N ILE H 108 -9.54 0.70 -45.54
CA ILE H 108 -10.54 1.42 -46.32
C ILE H 108 -11.64 2.01 -45.42
N SER H 109 -12.62 2.65 -46.04
CA SER H 109 -13.74 3.22 -45.33
C SER H 109 -14.88 3.39 -46.31
N THR H 110 -15.89 2.56 -46.15
CA THR H 110 -17.05 2.61 -47.03
C THR H 110 -18.03 3.70 -46.65
N SER H 111 -17.70 4.46 -45.60
CA SER H 111 -18.54 5.59 -45.18
C SER H 111 -18.52 6.54 -46.36
N ASN H 112 -19.34 7.59 -46.33
CA ASN H 112 -19.33 8.52 -47.43
C ASN H 112 -18.94 9.90 -46.99
N GLY H 113 -18.62 10.05 -45.71
CA GLY H 113 -18.20 11.33 -45.18
C GLY H 113 -19.25 12.06 -44.35
N SER H 114 -20.37 11.39 -44.10
CA SER H 114 -21.43 11.98 -43.33
C SER H 114 -22.16 10.92 -42.50
N LEU H 115 -23.04 11.37 -41.62
CA LEU H 115 -23.82 10.44 -40.84
C LEU H 115 -24.77 9.84 -41.87
N GLU H 116 -25.62 8.92 -41.46
CA GLU H 116 -26.55 8.32 -42.41
C GLU H 116 -25.72 7.86 -43.60
N GLY H 117 -24.42 7.82 -43.39
CA GLY H 117 -23.47 7.39 -44.41
C GLY H 117 -22.34 6.75 -43.62
N LEU H 118 -22.28 7.14 -42.35
CA LEU H 118 -21.28 6.67 -41.40
C LEU H 118 -21.20 5.14 -41.28
N ASP H 119 -22.35 4.47 -41.27
CA ASP H 119 -22.36 3.01 -41.16
C ASP H 119 -22.55 2.20 -42.46
N ASN H 120 -22.43 2.85 -43.61
CA ASN H 120 -22.54 2.16 -44.90
C ASN H 120 -21.43 1.11 -45.02
N GLN H 121 -21.71 -0.01 -45.67
CA GLN H 121 -20.70 -1.06 -45.76
C GLN H 121 -20.11 -1.46 -47.10
N GLU H 122 -20.34 -0.65 -48.12
CA GLU H 122 -19.81 -0.94 -49.44
C GLU H 122 -19.69 0.32 -50.28
N GLY H 123 -18.72 0.34 -51.20
CA GLY H 123 -18.51 1.49 -52.04
C GLY H 123 -18.05 2.67 -51.20
N GLY H 124 -18.92 3.64 -51.01
CA GLY H 124 -18.56 4.80 -50.22
C GLY H 124 -17.32 5.49 -50.73
N VAL H 125 -16.76 6.38 -49.91
CA VAL H 125 -15.56 7.13 -50.28
C VAL H 125 -14.41 6.22 -50.73
N CYS H 126 -14.48 4.93 -50.42
CA CYS H 126 -13.44 3.99 -50.82
C CYS H 126 -13.29 4.03 -52.32
N GLN H 127 -14.40 3.85 -53.03
CA GLN H 127 -14.38 3.90 -54.48
C GLN H 127 -14.71 5.30 -54.97
N THR H 128 -15.29 6.13 -54.11
CA THR H 128 -15.62 7.48 -54.50
C THR H 128 -14.37 8.35 -54.55
N ARG H 129 -13.75 8.61 -53.40
CA ARG H 129 -12.55 9.44 -53.35
C ARG H 129 -11.23 8.66 -53.36
N ALA H 130 -11.30 7.37 -53.62
CA ALA H 130 -10.10 6.54 -53.65
C ALA H 130 -9.43 6.48 -52.29
N MET H 131 -10.17 6.80 -51.24
CA MET H 131 -9.60 6.75 -49.91
C MET H 131 -9.32 5.31 -49.51
N LYS H 132 -8.09 4.89 -49.76
CA LYS H 132 -7.65 3.54 -49.43
C LYS H 132 -6.20 3.58 -49.07
N ILE H 133 -5.76 2.59 -48.33
CA ILE H 133 -4.36 2.51 -47.97
C ILE H 133 -3.89 1.08 -48.18
N LEU H 134 -2.72 0.96 -48.77
CA LEU H 134 -2.09 -0.31 -49.02
C LEU H 134 -0.76 -0.15 -48.32
N MET H 135 -0.41 -1.08 -47.45
CA MET H 135 0.86 -0.99 -46.74
C MET H 135 1.73 -2.18 -47.05
N LYS H 136 2.76 -1.94 -47.85
CA LYS H 136 3.69 -2.99 -48.24
C LYS H 136 4.79 -3.03 -47.19
N VAL H 137 4.63 -3.92 -46.22
CA VAL H 137 5.57 -4.04 -45.12
C VAL H 137 6.84 -4.83 -45.43
N GLY H 138 7.78 -4.18 -46.10
CA GLY H 138 9.03 -4.84 -46.45
C GLY H 138 9.30 -4.86 -47.95
#